data_9KQ2
#
_entry.id   9KQ2
#
_cell.length_a   1.00
_cell.length_b   1.00
_cell.length_c   1.00
_cell.angle_alpha   90.00
_cell.angle_beta   90.00
_cell.angle_gamma   90.00
#
_symmetry.space_group_name_H-M   'P 1'
#
loop_
_entity.id
_entity.type
_entity.pdbx_description
1 polymer 'Histone H3'
2 polymer 'Histone H4'
3 polymer 'Histone H2A'
4 polymer 'Histone H2B'
5 polymer 'DNA (147-MER)'
6 polymer 'DNA (147-MER)'
7 polymer 'E3 ubiquitin-protein ligase RNF168'
8 non-polymer 'ZINC ION'
#
loop_
_entity_poly.entity_id
_entity_poly.type
_entity_poly.pdbx_seq_one_letter_code
_entity_poly.pdbx_strand_id
1 'polypeptide(L)'
;ARTKQTARKSTGGKAPRKQLATKAARKSAPATGGVKKPHRYRPGTVALREIRRYQKSTELLIRKLPFQRLVREIAQDFKT
DLRFQSSAVMALQEASEAYLVALFEDTNLCAIHAKRVTIMPKDIQLARRIRGERA
;
A,E
2 'polypeptide(L)'
;SGRGKGGKGLGKGGAKRHRKVLRDNIQGITKPAIRRLARRGGVKRISGLIYEETRGVLKVFLENVIRDAVTYTEHAKRKT
VTAMDVVYALKRQGRTLYGFGG
;
B,F
3 'polypeptide(L)'
;SGRGKQGGKTRAKAKTRSSRAGLQFPVGRVHRLLRKGNYAERVGAGAPVYLAAVLEYLTAEILELAGNAARDNKKTRIIP
RHLQLAVRNDEELNKLLGRVTIAQGGVLPNIQSVLLPKKTESSKSAKSK
;
C,G
4 'polypeptide(L)'
;AKSAPAPKKGSKKAVTKTQKKDGKKRRKTRKESYAIYVYKVLKQVHPDTGISSKAMSIMNSFVNDVFERIAGEASRLAHY
NKRSTITSREIQTAVRLLLPGELAKHAVSEGTKAVTKYTSAK
;
D,H
5 'polydeoxyribonucleotide'
;(DA)(DT)(DC)(DG)(DA)(DG)(DA)(DA)(DT)(DC)(DC)(DC)(DG)(DG)(DT)(DG)(DC)(DC)(DG)(DA)
(DG)(DG)(DC)(DC)(DG)(DC)(DT)(DC)(DA)(DA)(DT)(DT)(DG)(DG)(DT)(DC)(DG)(DT)(DA)(DG)
(DA)(DC)(DA)(DG)(DC)(DT)(DC)(DT)(DA)(DG)(DC)(DA)(DC)(DC)(DG)(DC)(DT)(DT)(DA)(DA)
(DA)(DC)(DG)(DC)(DA)(DC)(DG)(DT)(DA)(DC)(DG)(DC)(DG)(DC)(DT)(DG)(DT)(DC)(DC)(DC)
(DC)(DC)(DG)(DC)(DG)(DT)(DT)(DT)(DT)(DA)(DA)(DC)(DC)(DG)(DC)(DC)(DA)(DA)(DG)(DG)
(DG)(DG)(DA)(DT)(DT)(DA)(DC)(DT)(DC)(DC)(DC)(DT)(DA)(DG)(DT)(DC)(DT)(DC)(DC)(DA)
(DG)(DG)(DC)(DA)(DC)(DG)(DT)(DG)(DT)(DC)(DA)(DG)(DA)(DT)(DA)(DT)(DA)(DT)(DA)(DC)
(DA)(DT)(DC)(DC)(DG)(DA)(DT)
;
I
6 'polydeoxyribonucleotide'
;(DA)(DT)(DC)(DG)(DG)(DA)(DT)(DG)(DT)(DA)(DT)(DA)(DT)(DA)(DT)(DC)(DT)(DG)(DA)(DC)
(DA)(DC)(DG)(DT)(DG)(DC)(DC)(DT)(DG)(DG)(DA)(DG)(DA)(DC)(DT)(DA)(DG)(DG)(DG)(DA)
(DG)(DT)(DA)(DA)(DT)(DC)(DC)(DC)(DC)(DT)(DT)(DG)(DG)(DC)(DG)(DG)(DT)(DT)(DA)(DA)
(DA)(DA)(DC)(DG)(DC)(DG)(DG)(DG)(DG)(DG)(DA)(DC)(DA)(DG)(DC)(DG)(DC)(DG)(DT)(DA)
(DC)(DG)(DT)(DG)(DC)(DG)(DT)(DT)(DT)(DA)(DA)(DG)(DC)(DG)(DG)(DT)(DG)(DC)(DT)(DA)
(DG)(DA)(DG)(DC)(DT)(DG)(DT)(DC)(DT)(DA)(DC)(DG)(DA)(DC)(DC)(DA)(DA)(DT)(DT)(DG)
(DA)(DG)(DC)(DG)(DG)(DC)(DC)(DT)(DC)(DG)(DG)(DC)(DA)(DC)(DC)(DG)(DG)(DG)(DA)(DT)
(DT)(DC)(DT)(DC)(DG)(DA)(DT)
;
J
7 'polypeptide(L)'
;MALPKDAIPSLSECQCGICMEILVEPVTLPCNHTLCKPCFQSTVEKASLCCPFCRRRVSSWTRYHTRRNSLVNVELWTII
QKHYPRECKLRASGQESEEVADD
;
K
#
# COMPACT_ATOMS: atom_id res chain seq x y z
N PRO A 38 18.96 -30.10 -46.18
CA PRO A 38 18.97 -28.74 -45.64
C PRO A 38 19.39 -28.67 -44.17
N HIS A 39 18.97 -27.61 -43.49
CA HIS A 39 19.40 -27.32 -42.13
C HIS A 39 18.19 -27.00 -41.25
N ARG A 40 18.25 -27.46 -40.01
CA ARG A 40 17.29 -27.08 -38.98
C ARG A 40 18.05 -26.99 -37.67
N TYR A 41 18.07 -25.80 -37.07
CA TYR A 41 18.66 -25.67 -35.75
C TYR A 41 17.89 -26.57 -34.79
N ARG A 42 18.60 -27.13 -33.81
CA ARG A 42 17.93 -27.88 -32.77
C ARG A 42 17.13 -26.94 -31.89
N PRO A 43 16.10 -27.43 -31.19
CA PRO A 43 15.35 -26.56 -30.29
C PRO A 43 16.26 -26.00 -29.21
N GLY A 44 16.02 -24.73 -28.86
CA GLY A 44 16.76 -24.06 -27.82
C GLY A 44 17.77 -23.04 -28.29
N THR A 45 18.57 -23.34 -29.33
CA THR A 45 19.59 -22.39 -29.76
C THR A 45 18.96 -21.12 -30.31
N VAL A 46 17.90 -21.26 -31.12
CA VAL A 46 17.20 -20.08 -31.60
C VAL A 46 16.54 -19.34 -30.46
N ALA A 47 16.09 -20.05 -29.42
CA ALA A 47 15.52 -19.38 -28.25
C ALA A 47 16.56 -18.50 -27.57
N LEU A 48 17.77 -19.03 -27.36
CA LEU A 48 18.82 -18.23 -26.76
C LEU A 48 19.18 -17.04 -27.64
N ARG A 49 19.22 -17.26 -28.96
CA ARG A 49 19.50 -16.17 -29.89
C ARG A 49 18.45 -15.07 -29.76
N GLU A 50 17.18 -15.46 -29.71
CA GLU A 50 16.10 -14.48 -29.59
C GLU A 50 16.17 -13.72 -28.28
N ILE A 51 16.43 -14.42 -27.17
CA ILE A 51 16.42 -13.74 -25.88
C ILE A 51 17.58 -12.75 -25.80
N ARG A 52 18.74 -13.13 -26.35
CA ARG A 52 19.84 -12.17 -26.35
C ARG A 52 19.55 -10.98 -27.25
N ARG A 53 18.90 -11.22 -28.40
CA ARG A 53 18.50 -10.13 -29.28
C ARG A 53 17.59 -9.14 -28.56
N TYR A 54 16.56 -9.66 -27.89
CA TYR A 54 15.58 -8.78 -27.26
C TYR A 54 16.09 -8.18 -25.95
N GLN A 55 17.08 -8.78 -25.31
CA GLN A 55 17.69 -8.16 -24.14
C GLN A 55 18.70 -7.10 -24.52
N LYS A 56 19.27 -7.16 -25.73
CA LYS A 56 20.17 -6.09 -26.16
C LYS A 56 19.42 -4.80 -26.50
N SER A 57 18.25 -4.89 -27.11
CA SER A 57 17.54 -3.72 -27.60
C SER A 57 16.54 -3.21 -26.56
N THR A 58 15.87 -2.12 -26.91
CA THR A 58 14.96 -1.44 -25.99
C THR A 58 13.62 -1.03 -26.59
N GLU A 59 13.33 -1.34 -27.85
CA GLU A 59 12.13 -0.84 -28.48
C GLU A 59 10.89 -1.53 -27.91
N LEU A 60 9.74 -0.87 -28.06
CA LEU A 60 8.50 -1.45 -27.57
C LEU A 60 8.06 -2.62 -28.44
N LEU A 61 7.29 -3.52 -27.85
CA LEU A 61 7.00 -4.81 -28.47
C LEU A 61 5.53 -4.99 -28.85
N ILE A 62 4.60 -4.67 -27.96
CA ILE A 62 3.18 -4.75 -28.28
C ILE A 62 2.85 -3.63 -29.27
N ARG A 63 1.98 -3.91 -30.23
CA ARG A 63 1.74 -2.97 -31.32
C ARG A 63 0.81 -1.85 -30.88
N LYS A 64 1.16 -0.63 -31.34
CA LYS A 64 0.66 0.60 -30.74
C LYS A 64 -0.81 0.84 -31.06
N LEU A 65 -1.24 0.61 -32.29
CA LEU A 65 -2.64 0.82 -32.63
C LEU A 65 -3.56 -0.15 -31.90
N PRO A 66 -3.25 -1.48 -31.86
CA PRO A 66 -4.06 -2.38 -31.02
C PRO A 66 -4.08 -1.98 -29.56
N PHE A 67 -2.93 -1.54 -29.03
CA PHE A 67 -2.89 -1.13 -27.64
C PHE A 67 -3.78 0.08 -27.40
N GLN A 68 -3.74 1.05 -28.33
CA GLN A 68 -4.57 2.24 -28.20
C GLN A 68 -6.06 1.87 -28.26
N ARG A 69 -6.41 0.95 -29.15
CA ARG A 69 -7.79 0.50 -29.22
C ARG A 69 -8.24 -0.13 -27.91
N LEU A 70 -7.39 -0.98 -27.34
CA LEU A 70 -7.75 -1.66 -26.09
C LEU A 70 -7.94 -0.65 -24.97
N VAL A 71 -7.01 0.30 -24.84
CA VAL A 71 -7.11 1.25 -23.73
C VAL A 71 -8.31 2.16 -23.91
N ARG A 72 -8.62 2.52 -25.16
CA ARG A 72 -9.79 3.34 -25.41
C ARG A 72 -11.07 2.58 -25.05
N GLU A 73 -11.13 1.28 -25.35
CA GLU A 73 -12.28 0.49 -24.95
C GLU A 73 -12.43 0.44 -23.44
N ILE A 74 -11.33 0.17 -22.74
CA ILE A 74 -11.33 0.07 -21.28
C ILE A 74 -11.81 1.39 -20.69
N ALA A 75 -11.34 2.50 -21.25
CA ALA A 75 -11.80 3.81 -20.80
C ALA A 75 -13.29 4.00 -21.06
N GLN A 76 -13.76 3.57 -22.23
CA GLN A 76 -15.18 3.72 -22.58
C GLN A 76 -16.05 2.97 -21.60
N ASP A 77 -15.49 1.93 -20.98
CA ASP A 77 -16.24 1.17 -19.99
C ASP A 77 -16.68 2.07 -18.84
N PHE A 78 -15.81 2.95 -18.37
CA PHE A 78 -16.05 3.68 -17.13
C PHE A 78 -16.80 4.98 -17.30
N LYS A 79 -16.28 5.93 -18.09
CA LYS A 79 -16.96 7.17 -18.36
C LYS A 79 -16.93 7.41 -19.87
N THR A 80 -17.99 8.02 -20.38
CA THR A 80 -18.11 8.26 -21.81
C THR A 80 -17.35 9.52 -22.22
N ASP A 81 -16.94 9.54 -23.49
CA ASP A 81 -16.39 10.73 -24.14
C ASP A 81 -15.13 11.24 -23.45
N LEU A 82 -14.08 10.44 -23.47
CA LEU A 82 -12.76 10.86 -23.03
C LEU A 82 -11.79 10.86 -24.20
N ARG A 83 -10.94 11.87 -24.26
CA ARG A 83 -9.87 11.95 -25.25
C ARG A 83 -8.53 11.75 -24.55
N PHE A 84 -7.58 11.18 -25.28
CA PHE A 84 -6.32 10.74 -24.70
C PHE A 84 -5.13 11.41 -25.37
N GLN A 85 -4.16 11.77 -24.55
CA GLN A 85 -2.85 12.17 -25.06
C GLN A 85 -2.09 10.95 -25.58
N SER A 86 -1.43 11.13 -26.72
CA SER A 86 -0.53 10.09 -27.22
C SER A 86 0.56 9.80 -26.20
N SER A 87 1.03 10.82 -25.49
CA SER A 87 1.97 10.61 -24.40
C SER A 87 1.38 9.76 -23.29
N ALA A 88 0.09 9.94 -22.97
CA ALA A 88 -0.55 9.08 -21.99
C ALA A 88 -0.61 7.63 -22.45
N VAL A 89 -0.94 7.40 -23.72
CA VAL A 89 -0.96 6.03 -24.23
C VAL A 89 0.44 5.41 -24.15
N MET A 90 1.45 6.19 -24.52
CA MET A 90 2.83 5.69 -24.47
C MET A 90 3.24 5.37 -23.03
N ALA A 91 2.85 6.20 -22.07
CA ALA A 91 3.19 5.95 -20.67
C ALA A 91 2.53 4.67 -20.17
N LEU A 92 1.26 4.48 -20.54
CA LEU A 92 0.57 3.25 -20.15
C LEU A 92 1.26 2.03 -20.74
N GLN A 93 1.69 2.13 -22.01
CA GLN A 93 2.42 1.01 -22.62
C GLN A 93 3.72 0.73 -21.88
N GLU A 94 4.44 1.79 -21.51
CA GLU A 94 5.68 1.63 -20.74
C GLU A 94 5.43 0.84 -19.46
N ALA A 95 4.44 1.27 -18.67
CA ALA A 95 4.18 0.62 -17.40
C ALA A 95 3.75 -0.83 -17.58
N SER A 96 2.88 -1.10 -18.55
CA SER A 96 2.43 -2.46 -18.80
C SER A 96 3.60 -3.36 -19.19
N GLU A 97 4.49 -2.85 -20.04
CA GLU A 97 5.65 -3.63 -20.46
C GLU A 97 6.51 -4.00 -19.26
N ALA A 98 6.83 -3.02 -18.42
CA ALA A 98 7.69 -3.27 -17.28
C ALA A 98 7.06 -4.31 -16.36
N TYR A 99 5.76 -4.15 -16.09
CA TYR A 99 5.07 -5.04 -15.18
C TYR A 99 5.05 -6.47 -15.70
N LEU A 100 4.73 -6.64 -16.99
CA LEU A 100 4.69 -7.99 -17.55
C LEU A 100 6.07 -8.65 -17.60
N VAL A 101 7.12 -7.89 -17.89
CA VAL A 101 8.46 -8.48 -17.90
C VAL A 101 8.85 -8.94 -16.51
N ALA A 102 8.57 -8.13 -15.48
CA ALA A 102 8.86 -8.56 -14.12
C ALA A 102 8.07 -9.82 -13.75
N LEU A 103 6.80 -9.86 -14.14
CA LEU A 103 5.98 -11.04 -13.85
C LEU A 103 6.55 -12.29 -14.51
N PHE A 104 7.00 -12.16 -15.76
CA PHE A 104 7.55 -13.31 -16.46
C PHE A 104 8.86 -13.77 -15.82
N GLU A 105 9.66 -12.82 -15.34
CA GLU A 105 10.88 -13.19 -14.61
C GLU A 105 10.56 -14.03 -13.38
N ASP A 106 9.59 -13.58 -12.57
CA ASP A 106 9.21 -14.35 -11.40
C ASP A 106 8.62 -15.72 -11.77
N THR A 107 7.82 -15.77 -12.84
CA THR A 107 7.25 -17.03 -13.30
C THR A 107 8.35 -18.01 -13.70
N ASN A 108 9.37 -17.51 -14.40
CA ASN A 108 10.50 -18.36 -14.77
C ASN A 108 11.23 -18.86 -13.53
N LEU A 109 11.39 -18.01 -12.53
CA LEU A 109 12.03 -18.46 -11.29
C LEU A 109 11.23 -19.59 -10.65
N CYS A 110 9.91 -19.45 -10.58
CA CYS A 110 9.09 -20.51 -9.99
C CYS A 110 9.17 -21.79 -10.80
N ALA A 111 9.12 -21.70 -12.13
CA ALA A 111 9.18 -22.89 -12.97
C ALA A 111 10.51 -23.59 -12.81
N ILE A 112 11.60 -22.82 -12.70
CA ILE A 112 12.90 -23.42 -12.44
C ILE A 112 12.91 -24.10 -11.07
N HIS A 113 12.32 -23.46 -10.06
CA HIS A 113 12.24 -24.07 -8.74
C HIS A 113 11.51 -25.40 -8.77
N ALA A 114 10.48 -25.53 -9.60
CA ALA A 114 9.70 -26.76 -9.71
C ALA A 114 10.44 -27.85 -10.48
N LYS A 115 11.73 -27.63 -10.78
CA LYS A 115 12.55 -28.55 -11.57
C LYS A 115 11.95 -28.78 -12.95
N ARG A 116 11.36 -27.74 -13.53
CA ARG A 116 10.79 -27.78 -14.87
C ARG A 116 11.54 -26.80 -15.77
N VAL A 117 11.11 -26.76 -17.03
CA VAL A 117 11.67 -25.81 -17.99
C VAL A 117 10.53 -25.01 -18.58
N THR A 118 9.32 -25.57 -18.54
CA THR A 118 8.13 -24.94 -19.11
C THR A 118 7.33 -24.27 -18.01
N ILE A 119 6.85 -23.06 -18.28
CA ILE A 119 6.03 -22.31 -17.33
C ILE A 119 4.55 -22.59 -17.60
N MET A 120 3.73 -22.40 -16.58
CA MET A 120 2.32 -22.75 -16.65
C MET A 120 1.47 -21.81 -15.80
N PRO A 121 0.14 -21.81 -16.02
CA PRO A 121 -0.72 -20.91 -15.24
C PRO A 121 -0.62 -21.12 -13.74
N LYS A 122 -0.29 -22.33 -13.27
CA LYS A 122 -0.07 -22.48 -11.84
C LYS A 122 1.14 -21.68 -11.39
N ASP A 123 2.18 -21.63 -12.22
CA ASP A 123 3.35 -20.82 -11.92
C ASP A 123 2.98 -19.34 -11.88
N ILE A 124 2.16 -18.91 -12.84
CA ILE A 124 1.71 -17.51 -12.88
C ILE A 124 0.94 -17.18 -11.62
N GLN A 125 0.02 -18.07 -11.24
CA GLN A 125 -0.80 -17.85 -10.05
C GLN A 125 0.05 -17.80 -8.79
N LEU A 126 1.03 -18.69 -8.67
CA LEU A 126 1.92 -18.65 -7.52
C LEU A 126 2.70 -17.34 -7.48
N ALA A 127 3.21 -16.89 -8.62
CA ALA A 127 3.93 -15.62 -8.64
C ALA A 127 3.06 -14.49 -8.11
N ARG A 128 1.84 -14.38 -8.64
CA ARG A 128 0.96 -13.29 -8.20
C ARG A 128 0.60 -13.43 -6.72
N ARG A 129 0.34 -14.65 -6.25
CA ARG A 129 -0.03 -14.83 -4.85
C ARG A 129 1.11 -14.46 -3.92
N ILE A 130 2.32 -14.93 -4.21
CA ILE A 130 3.45 -14.63 -3.33
C ILE A 130 3.76 -13.13 -3.36
N ARG A 131 3.61 -12.50 -4.52
CA ARG A 131 3.69 -11.04 -4.55
C ARG A 131 2.61 -10.40 -3.69
N GLY A 132 1.47 -11.05 -3.53
CA GLY A 132 0.44 -10.52 -2.68
C GLY A 132 -0.57 -9.67 -3.42
N GLU A 133 -0.61 -9.79 -4.74
CA GLU A 133 -1.60 -9.09 -5.56
C GLU A 133 -2.91 -9.85 -5.55
N ARG A 134 -3.98 -9.18 -5.97
CA ARG A 134 -5.30 -9.79 -6.04
C ARG A 134 -6.02 -9.40 -7.31
N LYS B 20 -17.12 5.01 -32.55
CA LYS B 20 -17.40 3.66 -33.00
C LYS B 20 -17.24 2.67 -31.85
N VAL B 21 -18.19 1.73 -31.73
CA VAL B 21 -18.15 0.76 -30.65
C VAL B 21 -16.96 -0.17 -30.83
N LEU B 22 -16.26 -0.42 -29.72
CA LEU B 22 -15.08 -1.28 -29.72
C LEU B 22 -15.42 -2.58 -29.01
N ARG B 23 -14.87 -3.68 -29.51
CA ARG B 23 -15.16 -5.00 -28.97
C ARG B 23 -14.02 -5.95 -29.29
N ASP B 24 -13.73 -6.86 -28.36
CA ASP B 24 -12.70 -7.89 -28.51
C ASP B 24 -11.34 -7.30 -28.85
N ASN B 25 -11.01 -6.14 -28.30
CA ASN B 25 -9.70 -5.55 -28.56
C ASN B 25 -8.60 -6.26 -27.77
N ILE B 26 -8.98 -7.05 -26.76
CA ILE B 26 -8.01 -7.77 -25.95
C ILE B 26 -7.30 -8.80 -26.80
N GLN B 27 -7.90 -9.17 -27.93
CA GLN B 27 -7.28 -10.10 -28.85
C GLN B 27 -6.22 -9.45 -29.72
N GLY B 28 -6.10 -8.12 -29.67
CA GLY B 28 -5.04 -7.45 -30.40
C GLY B 28 -3.68 -7.75 -29.83
N ILE B 29 -3.62 -8.23 -28.59
CA ILE B 29 -2.35 -8.59 -27.97
C ILE B 29 -1.97 -9.97 -28.49
N THR B 30 -1.17 -9.98 -29.55
CA THR B 30 -0.91 -11.19 -30.30
C THR B 30 0.01 -12.15 -29.56
N LYS B 31 -0.08 -13.44 -29.88
CA LYS B 31 0.77 -14.43 -29.23
C LYS B 31 2.24 -14.28 -29.60
N PRO B 32 2.63 -13.84 -30.81
CA PRO B 32 4.05 -13.50 -31.00
C PRO B 32 4.51 -12.36 -30.09
N ALA B 33 3.66 -11.38 -29.84
CA ALA B 33 4.02 -10.31 -28.92
C ALA B 33 4.19 -10.85 -27.51
N ILE B 34 3.29 -11.74 -27.09
CA ILE B 34 3.40 -12.39 -25.79
C ILE B 34 4.71 -13.13 -25.72
N ARG B 35 5.09 -13.78 -26.82
CA ARG B 35 6.33 -14.53 -26.89
C ARG B 35 7.54 -13.61 -26.73
N ARG B 36 7.53 -12.46 -27.40
CA ARG B 36 8.64 -11.52 -27.26
C ARG B 36 8.76 -10.99 -25.85
N LEU B 37 7.63 -10.74 -25.19
CA LEU B 37 7.69 -10.30 -23.80
C LEU B 37 8.38 -11.34 -22.92
N ALA B 38 8.00 -12.61 -23.10
CA ALA B 38 8.63 -13.69 -22.34
C ALA B 38 10.09 -13.88 -22.69
N ARG B 39 10.45 -13.73 -23.96
CA ARG B 39 11.84 -13.85 -24.39
C ARG B 39 12.71 -12.75 -23.79
N ARG B 40 12.21 -11.52 -23.76
CA ARG B 40 12.89 -10.48 -23.00
C ARG B 40 12.99 -10.82 -21.53
N GLY B 41 11.92 -11.34 -20.94
CA GLY B 41 11.94 -11.73 -19.54
C GLY B 41 12.88 -12.87 -19.21
N GLY B 42 13.36 -13.60 -20.21
CA GLY B 42 14.28 -14.69 -19.97
C GLY B 42 13.68 -16.09 -20.05
N VAL B 43 12.40 -16.19 -20.35
CA VAL B 43 11.75 -17.50 -20.47
C VAL B 43 12.32 -18.23 -21.67
N LYS B 44 12.34 -19.55 -21.61
CA LYS B 44 12.88 -20.38 -22.69
C LYS B 44 11.82 -21.20 -23.40
N ARG B 45 10.98 -21.92 -22.65
CA ARG B 45 9.93 -22.77 -23.22
C ARG B 45 8.59 -22.27 -22.71
N ILE B 46 7.60 -22.20 -23.61
CA ILE B 46 6.38 -21.44 -23.37
C ILE B 46 5.21 -22.41 -23.54
N SER B 47 4.25 -22.38 -22.62
CA SER B 47 3.10 -23.29 -22.73
C SER B 47 1.97 -22.63 -23.51
N GLY B 48 0.91 -23.40 -23.78
CA GLY B 48 -0.14 -22.92 -24.66
C GLY B 48 -1.25 -22.19 -23.94
N LEU B 49 -1.38 -22.40 -22.62
CA LEU B 49 -2.51 -21.85 -21.88
C LEU B 49 -2.21 -20.52 -21.23
N ILE B 50 -1.00 -19.98 -21.36
CA ILE B 50 -0.61 -18.83 -20.56
C ILE B 50 -1.02 -17.52 -21.23
N TYR B 51 -1.40 -17.60 -22.51
CA TYR B 51 -1.84 -16.38 -23.20
C TYR B 51 -3.09 -15.79 -22.55
N GLU B 52 -4.08 -16.62 -22.22
CA GLU B 52 -5.27 -16.13 -21.55
C GLU B 52 -4.94 -15.54 -20.18
N GLU B 53 -4.02 -16.17 -19.45
CA GLU B 53 -3.65 -15.65 -18.13
C GLU B 53 -2.97 -14.28 -18.25
N THR B 54 -2.06 -14.13 -19.21
CA THR B 54 -1.40 -12.84 -19.39
C THR B 54 -2.41 -11.77 -19.81
N ARG B 55 -3.36 -12.14 -20.68
CA ARG B 55 -4.39 -11.18 -21.05
C ARG B 55 -5.21 -10.75 -19.84
N GLY B 56 -5.56 -11.70 -18.96
CA GLY B 56 -6.34 -11.35 -17.78
C GLY B 56 -5.59 -10.42 -16.83
N VAL B 57 -4.32 -10.73 -16.58
CA VAL B 57 -3.55 -9.90 -15.64
C VAL B 57 -3.33 -8.51 -16.22
N LEU B 58 -3.08 -8.42 -17.53
CA LEU B 58 -2.95 -7.11 -18.16
C LEU B 58 -4.26 -6.35 -18.07
N LYS B 59 -5.39 -7.04 -18.22
CA LYS B 59 -6.69 -6.39 -18.13
C LYS B 59 -6.91 -5.78 -16.76
N VAL B 60 -6.63 -6.53 -15.68
CA VAL B 60 -6.90 -5.98 -14.35
C VAL B 60 -5.95 -4.83 -14.04
N PHE B 61 -4.69 -4.95 -14.45
CA PHE B 61 -3.74 -3.85 -14.21
C PHE B 61 -4.18 -2.57 -14.91
N LEU B 62 -4.56 -2.70 -16.19
CA LEU B 62 -5.06 -1.53 -16.92
C LEU B 62 -6.32 -0.98 -16.28
N GLU B 63 -7.21 -1.87 -15.80
CA GLU B 63 -8.42 -1.41 -15.14
C GLU B 63 -8.10 -0.50 -13.95
N ASN B 64 -7.20 -0.93 -13.09
CA ASN B 64 -6.87 -0.10 -11.92
C ASN B 64 -6.24 1.23 -12.33
N VAL B 65 -5.24 1.19 -13.22
CA VAL B 65 -4.55 2.44 -13.55
C VAL B 65 -5.49 3.40 -14.28
N ILE B 66 -6.33 2.89 -15.17
CA ILE B 66 -7.28 3.72 -15.89
C ILE B 66 -8.31 4.31 -14.95
N ARG B 67 -8.78 3.51 -13.98
CA ARG B 67 -9.69 4.04 -12.96
C ARG B 67 -9.10 5.25 -12.27
N ASP B 68 -7.86 5.12 -11.78
CA ASP B 68 -7.26 6.23 -11.04
C ASP B 68 -7.07 7.45 -11.94
N ALA B 69 -6.58 7.25 -13.17
CA ALA B 69 -6.34 8.37 -14.07
C ALA B 69 -7.64 9.09 -14.41
N VAL B 70 -8.71 8.31 -14.66
CA VAL B 70 -9.99 8.89 -15.00
C VAL B 70 -10.54 9.69 -13.83
N THR B 71 -10.38 9.18 -12.60
CA THR B 71 -10.86 9.94 -11.45
C THR B 71 -10.09 11.24 -11.29
N TYR B 72 -8.77 11.21 -11.50
CA TYR B 72 -7.99 12.45 -11.42
C TYR B 72 -8.47 13.46 -12.44
N THR B 73 -8.67 13.02 -13.69
CA THR B 73 -9.17 13.93 -14.72
C THR B 73 -10.56 14.45 -14.39
N GLU B 74 -11.42 13.58 -13.86
CA GLU B 74 -12.76 13.99 -13.46
C GLU B 74 -12.69 15.10 -12.42
N HIS B 75 -11.83 14.95 -11.42
CA HIS B 75 -11.71 16.00 -10.41
C HIS B 75 -11.14 17.27 -11.02
N ALA B 76 -10.23 17.15 -11.99
CA ALA B 76 -9.70 18.35 -12.63
C ALA B 76 -10.74 19.11 -13.43
N LYS B 77 -11.91 18.51 -13.67
CA LYS B 77 -12.97 19.09 -14.51
C LYS B 77 -12.48 19.31 -15.93
N ARG B 78 -12.03 18.23 -16.55
CA ARG B 78 -11.54 18.24 -17.92
C ARG B 78 -12.15 17.09 -18.68
N LYS B 79 -11.95 17.09 -20.00
CA LYS B 79 -12.39 16.00 -20.86
C LYS B 79 -11.23 15.26 -21.52
N THR B 80 -10.00 15.55 -21.12
CA THR B 80 -8.81 14.92 -21.69
C THR B 80 -7.97 14.31 -20.58
N VAL B 81 -7.59 13.05 -20.77
CA VAL B 81 -6.69 12.36 -19.85
C VAL B 81 -5.26 12.68 -20.26
N THR B 82 -4.43 13.07 -19.30
CA THR B 82 -3.11 13.59 -19.57
C THR B 82 -2.01 12.67 -19.02
N ALA B 83 -0.82 12.81 -19.60
CA ALA B 83 0.34 12.07 -19.11
C ALA B 83 0.59 12.33 -17.65
N MET B 84 0.34 13.57 -17.19
CA MET B 84 0.47 13.87 -15.77
C MET B 84 -0.48 13.01 -14.95
N ASP B 85 -1.73 12.88 -15.39
CA ASP B 85 -2.70 12.07 -14.67
C ASP B 85 -2.28 10.62 -14.62
N VAL B 86 -1.77 10.10 -15.74
CA VAL B 86 -1.36 8.70 -15.76
C VAL B 86 -0.16 8.47 -14.85
N VAL B 87 0.84 9.35 -14.95
CA VAL B 87 2.02 9.24 -14.09
C VAL B 87 1.61 9.34 -12.63
N TYR B 88 0.70 10.25 -12.32
CA TYR B 88 0.36 10.48 -10.93
C TYR B 88 -0.47 9.31 -10.38
N ALA B 89 -1.30 8.69 -11.21
CA ALA B 89 -1.98 7.47 -10.80
C ALA B 89 -0.98 6.36 -10.51
N LEU B 90 0.02 6.20 -11.38
CA LEU B 90 1.04 5.18 -11.17
C LEU B 90 1.85 5.45 -9.90
N LYS B 91 2.03 6.72 -9.56
CA LYS B 91 2.66 7.06 -8.28
C LYS B 91 1.76 6.66 -7.13
N ARG B 92 0.45 6.87 -7.27
CA ARG B 92 -0.48 6.45 -6.24
C ARG B 92 -0.39 4.95 -5.99
N GLN B 93 -0.29 4.17 -7.07
CA GLN B 93 -0.15 2.72 -6.94
C GLN B 93 1.23 2.29 -6.44
N GLY B 94 2.15 3.22 -6.19
CA GLY B 94 3.49 2.85 -5.77
C GLY B 94 4.31 2.19 -6.86
N ARG B 95 4.19 2.67 -8.09
CA ARG B 95 4.95 2.15 -9.24
C ARG B 95 5.48 3.32 -10.06
N THR B 96 6.17 4.25 -9.40
CA THR B 96 6.52 5.53 -10.00
C THR B 96 7.30 5.35 -11.30
N LEU B 97 7.06 6.26 -12.23
CA LEU B 97 7.66 6.23 -13.57
C LEU B 97 8.32 7.56 -13.85
N TYR B 98 9.51 7.52 -14.45
CA TYR B 98 10.25 8.72 -14.79
C TYR B 98 10.20 8.96 -16.30
N GLY B 99 10.38 10.23 -16.68
CA GLY B 99 10.61 10.58 -18.07
C GLY B 99 9.46 11.26 -18.77
N PHE B 100 8.29 11.37 -18.16
CA PHE B 100 7.14 12.00 -18.80
C PHE B 100 6.66 13.23 -18.05
N GLY B 101 7.55 13.92 -17.34
CA GLY B 101 7.22 15.10 -16.59
C GLY B 101 6.96 14.79 -15.12
N GLY B 102 7.32 15.76 -14.28
CA GLY B 102 7.14 15.63 -12.85
C GLY B 102 8.00 14.58 -12.18
N THR C 16 -24.85 21.80 18.97
CA THR C 16 -23.53 21.70 18.35
C THR C 16 -23.64 21.42 16.85
N ARG C 17 -22.50 21.40 16.17
CA ARG C 17 -22.49 21.11 14.74
C ARG C 17 -22.72 19.62 14.52
N SER C 18 -22.33 18.80 15.50
CA SER C 18 -22.61 17.37 15.41
C SER C 18 -24.11 17.10 15.39
N SER C 19 -24.84 17.72 16.32
CA SER C 19 -26.29 17.57 16.36
C SER C 19 -26.94 18.29 15.19
N ARG C 20 -26.20 19.20 14.56
CA ARG C 20 -26.70 19.97 13.44
C ARG C 20 -26.91 19.07 12.23
N ALA C 21 -26.17 17.94 12.18
CA ALA C 21 -26.28 17.00 11.09
C ALA C 21 -26.55 15.58 11.54
N GLY C 22 -26.71 15.33 12.83
CA GLY C 22 -27.04 14.00 13.31
C GLY C 22 -25.88 13.03 13.38
N LEU C 23 -24.65 13.53 13.37
CA LEU C 23 -23.47 12.67 13.42
C LEU C 23 -23.07 12.39 14.86
N GLN C 24 -22.21 11.40 15.03
CA GLN C 24 -21.67 11.08 16.35
C GLN C 24 -20.22 11.51 16.54
N PHE C 25 -19.57 12.01 15.48
CA PHE C 25 -18.14 12.30 15.60
C PHE C 25 -17.89 13.79 15.70
N PRO C 26 -16.84 14.21 16.38
CA PRO C 26 -16.67 15.63 16.69
C PRO C 26 -16.24 16.52 15.52
N VAL C 27 -17.19 17.35 15.08
CA VAL C 27 -16.93 18.30 14.01
C VAL C 27 -15.83 19.26 14.42
N GLY C 28 -15.87 19.75 15.66
CA GLY C 28 -14.86 20.64 16.18
C GLY C 28 -13.47 20.04 16.25
N ARG C 29 -13.35 18.82 16.76
CA ARG C 29 -12.07 18.13 16.81
C ARG C 29 -11.48 17.93 15.43
N VAL C 30 -12.27 17.43 14.46
CA VAL C 30 -11.69 17.18 13.14
C VAL C 30 -11.32 18.49 12.46
N HIS C 31 -12.11 19.55 12.66
CA HIS C 31 -11.76 20.86 12.14
C HIS C 31 -10.45 21.38 12.73
N ARG C 32 -10.25 21.16 14.04
CA ARG C 32 -8.99 21.54 14.66
C ARG C 32 -7.83 20.76 14.07
N LEU C 33 -8.02 19.46 13.86
CA LEU C 33 -6.94 18.62 13.35
C LEU C 33 -6.57 18.99 11.92
N LEU C 34 -7.54 19.31 11.07
CA LEU C 34 -7.22 19.72 9.71
C LEU C 34 -6.36 20.96 9.69
N ARG C 35 -6.64 21.92 10.57
CA ARG C 35 -5.78 23.10 10.64
C ARG C 35 -4.41 22.77 11.22
N LYS C 36 -4.38 22.03 12.33
CA LYS C 36 -3.12 21.80 13.04
C LYS C 36 -2.16 20.95 12.21
N GLY C 37 -2.68 20.09 11.35
CA GLY C 37 -1.81 19.29 10.52
C GLY C 37 -1.14 20.02 9.37
N ASN C 38 -1.46 21.30 9.17
CA ASN C 38 -0.89 22.10 8.08
C ASN C 38 -1.10 21.42 6.73
N TYR C 39 -2.30 20.87 6.53
CA TYR C 39 -2.62 20.23 5.27
C TYR C 39 -2.93 21.21 4.15
N ALA C 40 -3.47 22.38 4.47
CA ALA C 40 -3.72 23.40 3.45
C ALA C 40 -3.75 24.76 4.14
N GLU C 41 -3.64 25.81 3.32
CA GLU C 41 -3.67 27.17 3.84
C GLU C 41 -5.01 27.49 4.49
N ARG C 42 -6.10 27.08 3.85
CA ARG C 42 -7.44 27.33 4.33
C ARG C 42 -8.29 26.07 4.21
N VAL C 43 -9.32 25.97 5.04
CA VAL C 43 -10.16 24.78 5.11
C VAL C 43 -11.62 25.22 5.00
N GLY C 44 -12.39 24.52 4.17
CA GLY C 44 -13.79 24.84 3.98
C GLY C 44 -14.68 24.43 5.15
N ALA C 45 -15.99 24.61 5.00
CA ALA C 45 -16.90 24.28 6.10
C ALA C 45 -17.49 22.88 5.98
N GLY C 46 -17.71 22.38 4.76
CA GLY C 46 -18.29 21.05 4.62
C GLY C 46 -17.31 19.93 4.88
N ALA C 47 -16.01 20.26 4.91
CA ALA C 47 -14.99 19.24 5.10
C ALA C 47 -15.12 18.49 6.42
N PRO C 48 -15.24 19.15 7.58
CA PRO C 48 -15.41 18.38 8.83
C PRO C 48 -16.65 17.51 8.83
N VAL C 49 -17.77 17.97 8.29
CA VAL C 49 -19.00 17.17 8.28
C VAL C 49 -18.80 15.92 7.43
N TYR C 50 -18.24 16.10 6.22
CA TYR C 50 -18.03 14.96 5.34
C TYR C 50 -17.09 13.93 5.96
N LEU C 51 -15.97 14.42 6.53
CA LEU C 51 -14.98 13.50 7.06
C LEU C 51 -15.49 12.79 8.30
N ALA C 52 -16.22 13.51 9.16
CA ALA C 52 -16.81 12.87 10.33
C ALA C 52 -17.81 11.80 9.91
N ALA C 53 -18.62 12.07 8.88
CA ALA C 53 -19.58 11.08 8.43
C ALA C 53 -18.88 9.81 7.92
N VAL C 54 -17.82 9.98 7.11
CA VAL C 54 -17.17 8.78 6.56
C VAL C 54 -16.49 7.99 7.67
N LEU C 55 -15.82 8.67 8.60
CA LEU C 55 -15.19 7.96 9.72
C LEU C 55 -16.24 7.21 10.53
N GLU C 56 -17.38 7.86 10.80
CA GLU C 56 -18.42 7.22 11.60
C GLU C 56 -18.95 5.97 10.93
N TYR C 57 -19.19 6.05 9.62
CA TYR C 57 -19.76 4.89 8.92
C TYR C 57 -18.75 3.74 8.91
N LEU C 58 -17.47 4.05 8.72
CA LEU C 58 -16.45 3.00 8.73
C LEU C 58 -16.35 2.33 10.10
N THR C 59 -16.31 3.11 11.17
CA THR C 59 -16.29 2.51 12.49
C THR C 59 -17.54 1.69 12.76
N ALA C 60 -18.69 2.14 12.28
CA ALA C 60 -19.92 1.36 12.45
C ALA C 60 -19.80 0.01 11.77
N GLU C 61 -19.25 -0.02 10.55
CA GLU C 61 -19.04 -1.28 9.85
C GLU C 61 -18.14 -2.21 10.65
N ILE C 62 -17.00 -1.69 11.12
CA ILE C 62 -16.04 -2.53 11.84
C ILE C 62 -16.67 -3.07 13.11
N LEU C 63 -17.36 -2.22 13.86
CA LEU C 63 -17.97 -2.65 15.12
C LEU C 63 -19.06 -3.68 14.89
N GLU C 64 -19.90 -3.48 13.87
CA GLU C 64 -20.94 -4.46 13.58
C GLU C 64 -20.35 -5.83 13.28
N LEU C 65 -19.37 -5.88 12.38
CA LEU C 65 -18.77 -7.18 12.07
C LEU C 65 -18.08 -7.81 13.28
N ALA C 66 -17.35 -7.01 14.05
CA ALA C 66 -16.66 -7.55 15.21
C ALA C 66 -17.65 -8.10 16.23
N GLY C 67 -18.73 -7.38 16.48
CA GLY C 67 -19.76 -7.82 17.39
C GLY C 67 -20.44 -9.08 16.92
N ASN C 68 -20.72 -9.18 15.62
CA ASN C 68 -21.30 -10.40 15.07
C ASN C 68 -20.38 -11.59 15.33
N ALA C 69 -19.09 -11.43 15.04
CA ALA C 69 -18.15 -12.52 15.26
C ALA C 69 -18.07 -12.89 16.74
N ALA C 70 -18.04 -11.88 17.61
CA ALA C 70 -17.97 -12.16 19.04
C ALA C 70 -19.20 -12.92 19.53
N ARG C 71 -20.38 -12.51 19.07
CA ARG C 71 -21.61 -13.20 19.48
C ARG C 71 -21.63 -14.63 18.95
N ASP C 72 -21.10 -14.84 17.74
CA ASP C 72 -20.98 -16.19 17.24
C ASP C 72 -20.06 -17.03 18.13
N ASN C 73 -18.97 -16.42 18.61
CA ASN C 73 -18.07 -17.09 19.54
C ASN C 73 -18.67 -17.22 20.93
N LYS C 74 -19.84 -16.63 21.17
CA LYS C 74 -20.56 -16.71 22.44
C LYS C 74 -19.78 -16.02 23.57
N LYS C 75 -19.59 -14.71 23.39
CA LYS C 75 -19.05 -13.83 24.42
C LYS C 75 -19.74 -12.48 24.30
N THR C 76 -19.68 -11.69 25.37
CA THR C 76 -20.39 -10.42 25.40
C THR C 76 -19.48 -9.20 25.27
N ARG C 77 -18.21 -9.37 24.92
CA ARG C 77 -17.30 -8.26 24.70
C ARG C 77 -16.46 -8.51 23.45
N ILE C 78 -16.00 -7.43 22.81
CA ILE C 78 -15.08 -7.54 21.68
C ILE C 78 -13.66 -7.62 22.20
N ILE C 79 -12.86 -8.52 21.60
CA ILE C 79 -11.44 -8.61 21.92
C ILE C 79 -10.64 -8.51 20.62
N PRO C 80 -9.31 -8.33 20.70
CA PRO C 80 -8.50 -8.25 19.47
C PRO C 80 -8.70 -9.44 18.54
N ARG C 81 -8.93 -10.64 19.09
CA ARG C 81 -9.17 -11.79 18.24
C ARG C 81 -10.47 -11.63 17.45
N HIS C 82 -11.52 -11.11 18.10
CA HIS C 82 -12.77 -10.86 17.38
C HIS C 82 -12.56 -9.82 16.29
N LEU C 83 -11.80 -8.76 16.59
CA LEU C 83 -11.52 -7.76 15.56
C LEU C 83 -10.77 -8.38 14.38
N GLN C 84 -9.78 -9.24 14.68
CA GLN C 84 -9.02 -9.89 13.62
C GLN C 84 -9.92 -10.78 12.76
N LEU C 85 -10.78 -11.57 13.40
CA LEU C 85 -11.71 -12.40 12.65
C LEU C 85 -12.57 -11.54 11.73
N ALA C 86 -13.12 -10.46 12.26
CA ALA C 86 -13.97 -9.59 11.46
C ALA C 86 -13.23 -9.04 10.26
N VAL C 87 -12.03 -8.50 10.47
CA VAL C 87 -11.32 -7.83 9.37
C VAL C 87 -10.84 -8.83 8.33
N ARG C 88 -10.20 -9.93 8.75
CA ARG C 88 -9.66 -10.85 7.76
C ARG C 88 -10.74 -11.74 7.17
N ASN C 89 -11.95 -11.70 7.71
CA ASN C 89 -13.02 -12.51 7.15
C ASN C 89 -13.73 -11.82 5.99
N ASP C 90 -13.62 -10.49 5.90
CA ASP C 90 -14.33 -9.76 4.86
C ASP C 90 -13.37 -9.28 3.79
N GLU C 91 -13.83 -9.28 2.53
CA GLU C 91 -12.91 -9.30 1.40
C GLU C 91 -12.29 -7.93 1.22
N GLU C 92 -13.13 -6.92 1.12
CA GLU C 92 -12.69 -5.57 0.81
C GLU C 92 -12.04 -4.92 2.05
N LEU C 93 -12.50 -5.29 3.24
CA LEU C 93 -11.83 -4.84 4.47
C LEU C 93 -10.44 -5.45 4.59
N ASN C 94 -10.28 -6.73 4.24
CA ASN C 94 -8.94 -7.33 4.16
C ASN C 94 -8.07 -6.60 3.15
N LYS C 95 -8.65 -6.21 2.03
CA LYS C 95 -7.92 -5.42 1.04
C LYS C 95 -7.47 -4.09 1.63
N LEU C 96 -8.38 -3.40 2.33
CA LEU C 96 -8.08 -2.09 2.92
C LEU C 96 -7.00 -2.17 4.00
N LEU C 97 -7.17 -3.05 4.97
CA LEU C 97 -6.15 -3.27 5.99
C LEU C 97 -5.28 -4.47 5.63
N GLY C 98 -4.68 -4.42 4.44
CA GLY C 98 -3.84 -5.52 4.00
C GLY C 98 -2.43 -5.44 4.53
N ARG C 99 -2.07 -4.31 5.12
CA ARG C 99 -0.71 -4.04 5.56
C ARG C 99 -0.64 -3.71 7.05
N VAL C 100 -1.65 -4.11 7.82
CA VAL C 100 -1.74 -3.77 9.23
C VAL C 100 -1.73 -5.06 10.05
N THR C 101 -0.87 -5.11 11.05
CA THR C 101 -0.79 -6.25 11.96
C THR C 101 -1.48 -5.90 13.27
N ILE C 102 -2.43 -6.71 13.67
CA ILE C 102 -3.25 -6.46 14.85
C ILE C 102 -2.61 -7.22 16.02
N ALA C 103 -2.32 -6.50 17.10
CA ALA C 103 -1.75 -7.13 18.29
C ALA C 103 -2.72 -8.16 18.85
N GLN C 104 -2.17 -9.33 19.23
CA GLN C 104 -2.96 -10.41 19.83
C GLN C 104 -4.09 -10.86 18.90
N GLY C 105 -3.84 -10.84 17.61
CA GLY C 105 -4.87 -11.15 16.63
C GLY C 105 -4.94 -12.61 16.25
N GLY C 106 -3.81 -13.31 16.27
CA GLY C 106 -3.79 -14.68 15.83
C GLY C 106 -3.91 -14.79 14.32
N VAL C 107 -4.15 -16.02 13.86
CA VAL C 107 -4.28 -16.29 12.44
C VAL C 107 -5.53 -17.13 12.21
N LEU C 108 -6.06 -17.02 10.98
CA LEU C 108 -7.27 -17.73 10.63
C LEU C 108 -7.00 -19.24 10.51
N PRO C 109 -7.97 -20.08 10.88
CA PRO C 109 -7.81 -21.53 10.70
C PRO C 109 -7.87 -21.89 9.22
N ASN C 110 -6.75 -22.34 8.68
CA ASN C 110 -6.65 -22.66 7.26
C ASN C 110 -5.56 -23.71 7.07
N ILE C 111 -5.93 -24.86 6.54
CA ILE C 111 -4.99 -25.96 6.29
C ILE C 111 -5.11 -26.34 4.82
N GLN C 112 -3.98 -26.52 4.16
CA GLN C 112 -3.99 -26.97 2.77
C GLN C 112 -4.61 -28.35 2.66
N SER C 113 -5.33 -28.59 1.57
CA SER C 113 -6.07 -29.83 1.39
C SER C 113 -5.14 -31.04 1.35
N VAL C 114 -4.02 -30.92 0.65
CA VAL C 114 -3.08 -32.02 0.49
C VAL C 114 -2.42 -32.35 1.83
N LEU C 115 -2.19 -31.33 2.65
CA LEU C 115 -1.55 -31.55 3.95
C LEU C 115 -2.44 -32.36 4.89
N LEU C 116 -3.74 -32.38 4.64
CA LEU C 116 -4.64 -33.17 5.45
C LEU C 116 -4.36 -34.66 5.23
N PRO C 117 -4.56 -35.49 6.25
CA PRO C 117 -4.34 -36.93 6.07
C PRO C 117 -5.32 -37.54 5.07
N LYS D 28 0.06 15.29 34.89
CA LYS D 28 -0.73 14.35 34.10
C LYS D 28 -1.15 14.97 32.78
N THR D 29 -0.61 14.45 31.68
CA THR D 29 -0.92 14.97 30.35
C THR D 29 -2.37 14.71 29.99
N ARG D 30 -2.99 15.65 29.29
CA ARG D 30 -4.39 15.55 28.91
C ARG D 30 -4.53 15.01 27.48
N LYS D 31 -4.19 13.75 27.31
CA LYS D 31 -4.29 13.11 26.01
C LYS D 31 -5.75 12.90 25.64
N GLU D 32 -6.08 13.15 24.38
CA GLU D 32 -7.46 13.04 23.91
C GLU D 32 -7.66 11.72 23.18
N SER D 33 -8.92 11.32 23.03
CA SER D 33 -9.23 10.00 22.49
C SER D 33 -10.64 10.02 21.89
N TYR D 34 -10.95 9.00 21.10
CA TYR D 34 -12.22 8.85 20.43
C TYR D 34 -13.13 7.85 21.15
N ALA D 35 -12.77 7.47 22.38
CA ALA D 35 -13.39 6.33 23.06
C ALA D 35 -14.88 6.53 23.31
N ILE D 36 -15.28 7.72 23.76
CA ILE D 36 -16.69 7.94 24.08
C ILE D 36 -17.55 7.84 22.84
N TYR D 37 -17.10 8.40 21.72
CA TYR D 37 -17.89 8.34 20.50
C TYR D 37 -17.89 6.93 19.90
N VAL D 38 -16.77 6.20 19.99
CA VAL D 38 -16.77 4.81 19.57
C VAL D 38 -17.81 4.04 20.38
N TYR D 39 -17.87 4.31 21.68
CA TYR D 39 -18.84 3.65 22.54
C TYR D 39 -20.26 4.02 22.13
N LYS D 40 -20.47 5.27 21.74
CA LYS D 40 -21.78 5.69 21.27
C LYS D 40 -22.20 4.91 20.03
N VAL D 41 -21.29 4.76 19.07
CA VAL D 41 -21.60 4.02 17.86
C VAL D 41 -21.91 2.56 18.18
N LEU D 42 -21.13 1.96 19.09
CA LEU D 42 -21.39 0.58 19.47
C LEU D 42 -22.75 0.46 20.15
N LYS D 43 -23.10 1.41 21.00
CA LYS D 43 -24.41 1.39 21.64
C LYS D 43 -25.53 1.45 20.60
N GLN D 44 -25.33 2.27 19.56
CA GLN D 44 -26.35 2.36 18.52
C GLN D 44 -26.45 1.09 17.69
N VAL D 45 -25.33 0.41 17.41
CA VAL D 45 -25.36 -0.73 16.49
C VAL D 45 -25.66 -2.04 17.23
N HIS D 46 -24.90 -2.33 18.28
CA HIS D 46 -25.06 -3.54 19.08
C HIS D 46 -25.32 -3.14 20.52
N PRO D 47 -26.59 -3.06 20.92
CA PRO D 47 -26.91 -2.57 22.27
C PRO D 47 -26.32 -3.41 23.39
N ASP D 48 -26.37 -4.73 23.27
CA ASP D 48 -26.01 -5.64 24.36
C ASP D 48 -24.56 -6.14 24.25
N THR D 49 -23.57 -5.25 24.18
CA THR D 49 -22.21 -5.72 23.99
C THR D 49 -21.26 -4.74 24.67
N GLY D 50 -20.13 -5.26 25.16
CA GLY D 50 -19.11 -4.44 25.80
C GLY D 50 -17.79 -4.42 25.07
N ILE D 51 -16.81 -3.69 25.60
CA ILE D 51 -15.51 -3.47 24.95
C ILE D 51 -14.39 -3.52 25.98
N SER D 52 -13.25 -4.07 25.56
CA SER D 52 -12.04 -4.04 26.35
C SER D 52 -11.18 -2.83 26.00
N SER D 53 -10.38 -2.40 26.99
CA SER D 53 -9.53 -1.24 26.80
C SER D 53 -8.54 -1.46 25.66
N LYS D 54 -8.00 -2.67 25.57
CA LYS D 54 -7.18 -3.02 24.41
C LYS D 54 -7.94 -2.74 23.12
N ALA D 55 -9.17 -3.23 23.01
CA ALA D 55 -9.95 -3.04 21.79
C ALA D 55 -10.18 -1.56 21.49
N MET D 56 -10.45 -0.75 22.52
CA MET D 56 -10.57 0.68 22.28
C MET D 56 -9.27 1.26 21.75
N SER D 57 -8.13 0.72 22.19
CA SER D 57 -6.84 1.18 21.66
C SER D 57 -6.74 0.95 20.16
N ILE D 58 -7.06 -0.26 19.68
CA ILE D 58 -6.99 -0.52 18.25
C ILE D 58 -8.00 0.35 17.50
N MET D 59 -9.18 0.55 18.07
CA MET D 59 -10.17 1.40 17.38
C MET D 59 -9.65 2.83 17.23
N ASN D 60 -9.04 3.37 18.30
CA ASN D 60 -8.44 4.69 18.22
C ASN D 60 -7.38 4.76 17.13
N SER D 61 -6.47 3.78 17.12
CA SER D 61 -5.40 3.79 16.12
C SER D 61 -5.95 3.72 14.71
N PHE D 62 -6.97 2.89 14.50
CA PHE D 62 -7.58 2.75 13.18
C PHE D 62 -8.20 4.07 12.72
N VAL D 63 -8.94 4.73 13.60
CA VAL D 63 -9.54 6.02 13.23
C VAL D 63 -8.45 7.02 12.88
N ASN D 64 -7.39 7.09 13.68
CA ASN D 64 -6.31 8.02 13.40
C ASN D 64 -5.66 7.72 12.05
N ASP D 65 -5.45 6.44 11.74
CA ASP D 65 -4.80 6.05 10.50
C ASP D 65 -5.64 6.46 9.29
N VAL D 66 -6.93 6.19 9.33
CA VAL D 66 -7.80 6.57 8.22
C VAL D 66 -7.83 8.08 8.05
N PHE D 67 -7.92 8.82 9.17
CA PHE D 67 -7.89 10.27 9.11
C PHE D 67 -6.63 10.77 8.43
N GLU D 68 -5.47 10.21 8.82
CA GLU D 68 -4.20 10.63 8.24
C GLU D 68 -4.19 10.39 6.73
N ARG D 69 -4.59 9.19 6.31
CA ARG D 69 -4.54 8.88 4.88
C ARG D 69 -5.43 9.83 4.08
N ILE D 70 -6.66 10.05 4.54
CA ILE D 70 -7.58 10.90 3.79
C ILE D 70 -7.07 12.33 3.74
N ALA D 71 -6.66 12.87 4.89
CA ALA D 71 -6.20 14.25 4.92
C ALA D 71 -4.96 14.43 4.05
N GLY D 72 -4.04 13.46 4.10
CA GLY D 72 -2.80 13.60 3.35
C GLY D 72 -3.01 13.58 1.86
N GLU D 73 -3.83 12.63 1.37
CA GLU D 73 -4.08 12.58 -0.06
C GLU D 73 -4.87 13.80 -0.52
N ALA D 74 -5.80 14.27 0.31
CA ALA D 74 -6.57 15.46 -0.08
C ALA D 74 -5.68 16.70 -0.15
N SER D 75 -4.74 16.83 0.79
CA SER D 75 -3.79 17.93 0.72
C SER D 75 -2.93 17.83 -0.53
N ARG D 76 -2.50 16.62 -0.87
CA ARG D 76 -1.76 16.39 -2.09
C ARG D 76 -2.55 16.82 -3.32
N LEU D 77 -3.83 16.46 -3.38
CA LEU D 77 -4.68 16.83 -4.51
C LEU D 77 -4.84 18.35 -4.61
N ALA D 78 -5.06 19.00 -3.46
CA ALA D 78 -5.22 20.45 -3.44
C ALA D 78 -3.96 21.16 -3.91
N HIS D 79 -2.80 20.70 -3.43
CA HIS D 79 -1.54 21.21 -3.96
C HIS D 79 -1.44 21.00 -5.47
N TYR D 80 -1.92 19.84 -5.95
CA TYR D 80 -1.75 19.49 -7.35
C TYR D 80 -2.54 20.39 -8.28
N ASN D 81 -3.80 20.66 -7.96
CA ASN D 81 -4.65 21.46 -8.85
C ASN D 81 -4.40 22.95 -8.67
N LYS D 82 -3.31 23.33 -8.02
CA LYS D 82 -2.92 24.73 -7.87
C LYS D 82 -4.04 25.54 -7.21
N ARG D 83 -4.67 24.91 -6.22
CA ARG D 83 -5.73 25.55 -5.46
C ARG D 83 -5.45 25.36 -3.99
N SER D 84 -5.63 26.43 -3.22
CA SER D 84 -5.13 26.47 -1.85
C SER D 84 -6.20 26.19 -0.80
N THR D 85 -7.36 25.67 -1.18
CA THR D 85 -8.40 25.35 -0.22
C THR D 85 -8.82 23.89 -0.37
N ILE D 86 -9.00 23.22 0.76
CA ILE D 86 -9.44 21.83 0.80
C ILE D 86 -10.94 21.84 1.08
N THR D 87 -11.70 21.21 0.20
CA THR D 87 -13.15 21.24 0.32
C THR D 87 -13.78 19.85 0.20
N SER D 88 -15.12 19.85 0.18
CA SER D 88 -15.89 18.62 0.13
C SER D 88 -15.61 17.85 -1.15
N ARG D 89 -15.40 18.55 -2.27
CA ARG D 89 -15.05 17.87 -3.51
C ARG D 89 -13.72 17.15 -3.39
N GLU D 90 -12.75 17.80 -2.75
CA GLU D 90 -11.46 17.16 -2.52
C GLU D 90 -11.61 15.90 -1.71
N ILE D 91 -12.39 15.95 -0.63
CA ILE D 91 -12.54 14.76 0.21
C ILE D 91 -13.36 13.68 -0.50
N GLN D 92 -14.28 14.07 -1.37
CA GLN D 92 -15.06 13.09 -2.12
C GLN D 92 -14.16 12.33 -3.08
N THR D 93 -13.31 13.05 -3.81
CA THR D 93 -12.32 12.39 -4.65
C THR D 93 -11.37 11.55 -3.81
N ALA D 94 -11.04 12.02 -2.60
CA ALA D 94 -10.19 11.25 -1.71
C ALA D 94 -10.79 9.90 -1.41
N VAL D 95 -12.07 9.89 -1.02
CA VAL D 95 -12.76 8.65 -0.68
C VAL D 95 -12.81 7.74 -1.87
N ARG D 96 -13.10 8.29 -3.06
CA ARG D 96 -13.20 7.46 -4.24
C ARG D 96 -11.86 6.83 -4.63
N LEU D 97 -10.75 7.54 -4.48
CA LEU D 97 -9.47 6.90 -4.78
C LEU D 97 -9.08 5.88 -3.73
N LEU D 98 -9.28 6.18 -2.44
CA LEU D 98 -8.74 5.30 -1.41
C LEU D 98 -9.61 4.06 -1.17
N LEU D 99 -10.90 4.24 -0.86
CA LEU D 99 -11.66 3.08 -0.45
C LEU D 99 -12.09 2.25 -1.67
N PRO D 100 -12.20 0.93 -1.52
CA PRO D 100 -12.64 0.10 -2.65
C PRO D 100 -14.09 0.40 -3.02
N GLY D 101 -14.51 -0.09 -4.19
CA GLY D 101 -15.74 0.32 -4.85
C GLY D 101 -17.02 0.42 -4.04
N GLU D 102 -17.46 -0.71 -3.48
CA GLU D 102 -18.77 -0.78 -2.84
C GLU D 102 -18.84 0.14 -1.63
N LEU D 103 -17.85 0.01 -0.75
CA LEU D 103 -17.77 0.82 0.45
C LEU D 103 -17.62 2.28 0.12
N ALA D 104 -16.88 2.60 -0.93
CA ALA D 104 -16.72 3.99 -1.31
C ALA D 104 -18.04 4.57 -1.77
N LYS D 105 -18.83 3.80 -2.52
CA LYS D 105 -20.16 4.24 -2.91
C LYS D 105 -21.02 4.51 -1.67
N HIS D 106 -20.97 3.58 -0.71
CA HIS D 106 -21.75 3.77 0.51
C HIS D 106 -21.29 5.00 1.28
N ALA D 107 -19.97 5.21 1.35
CA ALA D 107 -19.41 6.34 2.08
C ALA D 107 -19.79 7.67 1.43
N VAL D 108 -19.74 7.73 0.10
CA VAL D 108 -20.07 8.98 -0.57
C VAL D 108 -21.55 9.27 -0.44
N SER D 109 -22.39 8.23 -0.46
CA SER D 109 -23.81 8.43 -0.18
C SER D 109 -24.02 9.02 1.22
N GLU D 110 -23.37 8.42 2.22
CA GLU D 110 -23.51 8.88 3.59
C GLU D 110 -23.04 10.32 3.72
N GLY D 111 -21.90 10.64 3.13
CA GLY D 111 -21.34 11.97 3.18
C GLY D 111 -22.22 13.01 2.53
N THR D 112 -22.77 12.69 1.35
CA THR D 112 -23.63 13.67 0.69
C THR D 112 -24.90 13.89 1.49
N LYS D 113 -25.44 12.83 2.10
CA LYS D 113 -26.59 12.99 2.98
C LYS D 113 -26.25 13.93 4.11
N ALA D 114 -25.09 13.71 4.74
CA ALA D 114 -24.69 14.52 5.88
C ALA D 114 -24.49 15.99 5.49
N VAL D 115 -23.84 16.25 4.35
CA VAL D 115 -23.53 17.63 4.00
C VAL D 115 -24.81 18.37 3.62
N THR D 116 -25.73 17.70 2.90
CA THR D 116 -26.97 18.39 2.56
C THR D 116 -27.82 18.64 3.81
N LYS D 117 -27.83 17.69 4.75
CA LYS D 117 -28.52 17.92 6.01
C LYS D 117 -27.92 19.09 6.77
N TYR D 118 -26.59 19.19 6.81
CA TYR D 118 -25.96 20.30 7.52
C TYR D 118 -26.29 21.62 6.84
N THR D 119 -26.09 21.71 5.53
CA THR D 119 -26.31 22.99 4.85
C THR D 119 -27.78 23.36 4.79
N SER D 120 -28.70 22.42 5.05
CA SER D 120 -30.10 22.78 5.18
C SER D 120 -30.31 23.76 6.34
N ALA D 121 -29.66 23.50 7.47
CA ALA D 121 -29.79 24.37 8.63
C ALA D 121 -28.58 25.29 8.75
N LYS D 122 -28.78 26.39 9.48
CA LYS D 122 -27.68 27.31 9.79
C LYS D 122 -27.78 27.80 11.24
N HIS E 39 0.55 -46.90 23.21
CA HIS E 39 0.41 -46.96 21.76
C HIS E 39 1.05 -45.74 21.12
N ARG E 40 1.21 -45.79 19.81
CA ARG E 40 1.84 -44.74 19.03
C ARG E 40 0.89 -44.23 17.96
N TYR E 41 0.75 -42.92 17.86
CA TYR E 41 0.11 -42.33 16.71
C TYR E 41 1.07 -42.37 15.53
N ARG E 42 0.54 -42.55 14.33
CA ARG E 42 1.38 -42.45 13.15
C ARG E 42 1.90 -41.02 13.02
N PRO E 43 3.08 -40.82 12.44
CA PRO E 43 3.61 -39.47 12.28
C PRO E 43 2.67 -38.56 11.49
N GLY E 44 2.58 -37.30 11.89
CA GLY E 44 1.77 -36.33 11.19
C GLY E 44 0.44 -36.01 11.87
N THR E 45 -0.17 -36.99 12.54
CA THR E 45 -1.42 -36.74 13.25
C THR E 45 -1.23 -35.87 14.47
N VAL E 46 -0.21 -36.16 15.30
CA VAL E 46 0.10 -35.24 16.39
C VAL E 46 0.52 -33.89 15.84
N ALA E 47 1.19 -33.87 14.69
CA ALA E 47 1.56 -32.61 14.05
C ALA E 47 0.33 -31.76 13.76
N LEU E 48 -0.68 -32.37 13.14
CA LEU E 48 -1.87 -31.59 12.78
C LEU E 48 -2.72 -31.27 14.01
N ARG E 49 -2.67 -32.12 15.04
CA ARG E 49 -3.33 -31.78 16.29
C ARG E 49 -2.72 -30.53 16.90
N GLU E 50 -1.39 -30.48 16.94
CA GLU E 50 -0.70 -29.27 17.41
C GLU E 50 -1.01 -28.09 16.51
N ILE E 51 -1.11 -28.33 15.20
CA ILE E 51 -1.42 -27.26 14.26
C ILE E 51 -2.75 -26.62 14.61
N ARG E 52 -3.77 -27.46 14.82
CA ARG E 52 -5.09 -26.96 15.19
C ARG E 52 -5.05 -26.24 16.54
N ARG E 53 -4.36 -26.82 17.51
CA ARG E 53 -4.30 -26.22 18.84
C ARG E 53 -3.65 -24.85 18.80
N TYR E 54 -2.57 -24.71 18.02
CA TYR E 54 -1.84 -23.46 17.95
C TYR E 54 -2.54 -22.42 17.08
N GLN E 55 -3.26 -22.85 16.03
CA GLN E 55 -4.06 -21.90 15.27
C GLN E 55 -5.28 -21.43 16.05
N LYS E 56 -5.74 -22.22 17.04
CA LYS E 56 -6.86 -21.77 17.87
C LYS E 56 -6.42 -20.80 18.96
N SER E 57 -5.15 -20.76 19.29
CA SER E 57 -4.63 -19.94 20.38
C SER E 57 -4.24 -18.55 19.87
N THR E 58 -3.93 -17.66 20.82
CA THR E 58 -3.60 -16.27 20.49
C THR E 58 -2.44 -15.71 21.30
N GLU E 59 -1.85 -16.47 22.22
CA GLU E 59 -0.75 -15.95 23.01
C GLU E 59 0.57 -16.09 22.26
N LEU E 60 1.58 -15.36 22.73
CA LEU E 60 2.87 -15.37 22.06
C LEU E 60 3.64 -16.65 22.36
N LEU E 61 4.57 -16.98 21.45
CA LEU E 61 5.26 -18.25 21.50
C LEU E 61 6.70 -18.15 21.96
N ILE E 62 7.36 -17.02 21.76
CA ILE E 62 8.78 -16.85 22.06
C ILE E 62 8.90 -16.34 23.48
N ARG E 63 9.81 -16.94 24.26
CA ARG E 63 9.95 -16.56 25.66
C ARG E 63 10.60 -15.18 25.79
N LYS E 64 10.19 -14.46 26.84
CA LYS E 64 10.47 -13.02 26.90
C LYS E 64 11.95 -12.73 27.19
N LEU E 65 12.55 -13.47 28.13
CA LEU E 65 13.90 -13.13 28.58
C LEU E 65 14.96 -13.32 27.49
N PRO E 66 15.00 -14.46 26.79
CA PRO E 66 15.98 -14.58 25.68
C PRO E 66 15.79 -13.52 24.61
N PHE E 67 14.54 -13.18 24.29
CA PHE E 67 14.29 -12.17 23.27
C PHE E 67 14.77 -10.81 23.72
N GLN E 68 14.53 -10.47 24.99
CA GLN E 68 14.99 -9.18 25.50
C GLN E 68 16.51 -9.11 25.51
N ARG E 69 17.17 -10.21 25.90
CA ARG E 69 18.63 -10.21 25.86
C ARG E 69 19.15 -10.07 24.43
N LEU E 70 18.49 -10.73 23.46
CA LEU E 70 18.86 -10.57 22.06
C LEU E 70 18.75 -9.12 21.61
N VAL E 71 17.64 -8.47 21.96
CA VAL E 71 17.42 -7.09 21.53
C VAL E 71 18.45 -6.16 22.17
N ARG E 72 18.75 -6.38 23.45
CA ARG E 72 19.77 -5.54 24.10
C ARG E 72 21.13 -5.75 23.46
N GLU E 73 21.48 -6.99 23.13
CA GLU E 73 22.77 -7.22 22.48
C GLU E 73 22.83 -6.53 21.12
N ILE E 74 21.74 -6.60 20.35
CA ILE E 74 21.72 -5.96 19.04
C ILE E 74 21.87 -4.45 19.18
N ALA E 75 21.17 -3.86 20.15
CA ALA E 75 21.24 -2.41 20.32
C ALA E 75 22.59 -1.99 20.90
N GLN E 76 23.28 -2.90 21.57
CA GLN E 76 24.59 -2.58 22.13
C GLN E 76 25.61 -2.24 21.05
N ASP E 77 25.55 -2.95 19.93
CA ASP E 77 26.49 -2.71 18.85
C ASP E 77 26.40 -1.30 18.30
N PHE E 78 25.21 -0.72 18.26
CA PHE E 78 24.97 0.54 17.57
C PHE E 78 25.22 1.77 18.43
N LYS E 79 24.76 1.77 19.68
CA LYS E 79 25.02 2.86 20.60
C LYS E 79 25.03 2.30 22.01
N THR E 80 25.83 2.91 22.88
CA THR E 80 26.12 2.33 24.18
C THR E 80 25.23 2.92 25.26
N ASP E 81 24.78 2.05 26.16
CA ASP E 81 23.96 2.41 27.32
C ASP E 81 22.63 3.05 26.88
N LEU E 82 21.85 2.24 26.18
CA LEU E 82 20.46 2.57 25.87
C LEU E 82 19.55 1.87 26.87
N ARG E 83 18.40 2.47 27.11
CA ARG E 83 17.38 1.89 27.96
C ARG E 83 16.11 1.63 27.14
N PHE E 84 15.42 0.55 27.51
CA PHE E 84 14.29 0.06 26.74
C PHE E 84 13.03 0.09 27.59
N GLN E 85 11.91 0.47 26.96
CA GLN E 85 10.61 0.25 27.56
C GLN E 85 10.17 -1.19 27.40
N SER E 86 9.54 -1.73 28.45
CA SER E 86 8.94 -3.05 28.35
C SER E 86 7.89 -3.09 27.25
N SER E 87 7.12 -2.01 27.09
CA SER E 87 6.15 -1.95 26.01
C SER E 87 6.84 -1.98 24.65
N ALA E 88 7.99 -1.32 24.52
CA ALA E 88 8.75 -1.41 23.28
C ALA E 88 9.21 -2.82 22.99
N VAL E 89 9.70 -3.53 24.01
CA VAL E 89 10.11 -4.92 23.80
C VAL E 89 8.91 -5.77 23.39
N MET E 90 7.74 -5.54 23.99
CA MET E 90 6.54 -6.29 23.61
C MET E 90 6.14 -5.99 22.17
N ALA E 91 6.25 -4.72 21.76
CA ALA E 91 5.91 -4.36 20.38
C ALA E 91 6.84 -5.04 19.38
N LEU E 92 8.14 -5.07 19.69
CA LEU E 92 9.09 -5.75 18.84
C LEU E 92 8.77 -7.24 18.75
N GLN E 93 8.39 -7.84 19.89
CA GLN E 93 8.01 -9.25 19.88
C GLN E 93 6.79 -9.48 18.99
N GLU E 94 5.79 -8.62 19.09
CA GLU E 94 4.61 -8.73 18.24
C GLU E 94 4.99 -8.73 16.77
N ALA E 95 5.78 -7.73 16.37
CA ALA E 95 6.14 -7.58 14.96
C ALA E 95 6.92 -8.78 14.45
N SER E 96 7.94 -9.21 15.21
CA SER E 96 8.75 -10.35 14.78
C SER E 96 7.89 -11.60 14.67
N GLU E 97 6.97 -11.79 15.62
CA GLU E 97 6.06 -12.94 15.59
C GLU E 97 5.30 -12.97 14.28
N ALA E 98 4.65 -11.86 13.94
CA ALA E 98 3.80 -11.80 12.75
C ALA E 98 4.60 -12.01 11.47
N TYR E 99 5.77 -11.36 11.39
CA TYR E 99 6.59 -11.47 10.19
C TYR E 99 7.06 -12.91 9.96
N LEU E 100 7.49 -13.57 11.04
CA LEU E 100 7.92 -14.96 10.90
C LEU E 100 6.76 -15.87 10.50
N VAL E 101 5.58 -15.65 11.06
CA VAL E 101 4.43 -16.48 10.69
C VAL E 101 4.12 -16.33 9.21
N ALA E 102 4.12 -15.09 8.71
CA ALA E 102 3.85 -14.84 7.30
C ALA E 102 4.88 -15.51 6.40
N LEU E 103 6.16 -15.39 6.79
CA LEU E 103 7.21 -16.03 6.02
C LEU E 103 7.02 -17.54 5.96
N PHE E 104 6.67 -18.15 7.09
CA PHE E 104 6.50 -19.60 7.09
C PHE E 104 5.31 -20.03 6.24
N GLU E 105 4.25 -19.23 6.21
CA GLU E 105 3.16 -19.48 5.27
C GLU E 105 3.67 -19.52 3.84
N ASP E 106 4.46 -18.52 3.46
CA ASP E 106 4.98 -18.49 2.10
C ASP E 106 5.87 -19.68 1.79
N THR E 107 6.74 -20.07 2.73
CA THR E 107 7.60 -21.22 2.50
C THR E 107 6.78 -22.50 2.36
N ASN E 108 5.73 -22.64 3.16
CA ASN E 108 4.87 -23.82 3.01
C ASN E 108 4.24 -23.85 1.63
N LEU E 109 3.77 -22.70 1.13
CA LEU E 109 3.20 -22.66 -0.20
C LEU E 109 4.21 -23.08 -1.25
N CYS E 110 5.44 -22.57 -1.17
CA CYS E 110 6.46 -22.95 -2.14
C CYS E 110 6.79 -24.43 -2.06
N ALA E 111 6.91 -24.96 -0.83
CA ALA E 111 7.26 -26.36 -0.63
C ALA E 111 6.18 -27.28 -1.21
N ILE E 112 4.91 -26.95 -0.98
CA ILE E 112 3.85 -27.80 -1.50
C ILE E 112 3.79 -27.68 -3.02
N HIS E 113 4.12 -26.49 -3.55
CA HIS E 113 4.23 -26.38 -5.00
C HIS E 113 5.31 -27.29 -5.57
N ALA E 114 6.43 -27.43 -4.86
CA ALA E 114 7.53 -28.27 -5.31
C ALA E 114 7.22 -29.76 -5.19
N LYS E 115 5.97 -30.11 -4.89
CA LYS E 115 5.49 -31.49 -4.74
C LYS E 115 6.05 -32.15 -3.49
N ARG E 116 6.93 -31.46 -2.77
CA ARG E 116 7.44 -31.94 -1.50
C ARG E 116 6.42 -31.69 -0.39
N VAL E 117 6.75 -32.10 0.83
CA VAL E 117 5.89 -31.82 1.97
C VAL E 117 6.75 -31.26 3.09
N THR E 118 8.07 -31.38 2.95
CA THR E 118 9.03 -30.85 3.90
C THR E 118 9.55 -29.51 3.41
N ILE E 119 9.57 -28.51 4.28
CA ILE E 119 10.13 -27.22 3.92
C ILE E 119 11.65 -27.31 3.93
N MET E 120 12.30 -26.46 3.14
CA MET E 120 13.74 -26.49 2.97
C MET E 120 14.24 -25.07 2.83
N PRO E 121 15.53 -24.84 3.09
CA PRO E 121 16.07 -23.47 3.03
C PRO E 121 15.92 -22.79 1.67
N LYS E 122 16.01 -23.56 0.59
CA LYS E 122 15.80 -22.99 -0.74
C LYS E 122 14.42 -22.39 -0.91
N ASP E 123 13.40 -22.97 -0.27
CA ASP E 123 12.06 -22.42 -0.33
C ASP E 123 12.00 -21.03 0.30
N ILE E 124 12.61 -20.88 1.48
CA ILE E 124 12.62 -19.60 2.17
C ILE E 124 13.39 -18.59 1.35
N GLN E 125 14.51 -19.02 0.78
CA GLN E 125 15.31 -18.10 -0.04
C GLN E 125 14.51 -17.61 -1.25
N LEU E 126 13.82 -18.53 -1.94
CA LEU E 126 13.04 -18.14 -3.11
C LEU E 126 11.88 -17.25 -2.72
N ALA E 127 11.21 -17.54 -1.60
CA ALA E 127 10.10 -16.71 -1.15
C ALA E 127 10.56 -15.30 -0.85
N ARG E 128 11.69 -15.17 -0.16
CA ARG E 128 12.24 -13.85 0.13
C ARG E 128 12.61 -13.12 -1.15
N ARG E 129 13.22 -13.83 -2.10
CA ARG E 129 13.58 -13.21 -3.37
C ARG E 129 12.35 -12.69 -4.11
N ILE E 130 11.29 -13.50 -4.14
CA ILE E 130 10.09 -13.08 -4.87
C ILE E 130 9.43 -11.90 -4.18
N ARG E 131 9.37 -11.92 -2.84
CA ARG E 131 8.88 -10.76 -2.12
C ARG E 131 9.72 -9.52 -2.43
N GLY E 132 11.01 -9.71 -2.67
CA GLY E 132 11.86 -8.58 -3.02
C GLY E 132 12.68 -8.06 -1.86
N GLU E 133 12.62 -8.72 -0.71
CA GLU E 133 13.46 -8.31 0.42
C GLU E 133 14.93 -8.60 0.12
N ARG E 134 15.24 -9.88 -0.09
CA ARG E 134 16.58 -10.24 -0.53
C ARG E 134 16.80 -9.78 -1.96
N ALA E 135 18.02 -9.33 -2.24
CA ALA E 135 18.39 -8.86 -3.57
C ALA E 135 18.32 -10.01 -4.58
N ASN F 25 22.86 -16.35 22.94
CA ASN F 25 22.26 -15.13 22.42
C ASN F 25 21.30 -15.44 21.27
N ILE F 26 21.84 -15.43 20.05
CA ILE F 26 21.02 -15.71 18.87
C ILE F 26 20.52 -17.15 18.91
N GLN F 27 21.23 -18.02 19.63
CA GLN F 27 20.79 -19.41 19.76
C GLN F 27 19.80 -19.52 20.90
N GLY F 28 19.52 -18.40 21.58
CA GLY F 28 18.45 -18.39 22.56
C GLY F 28 17.10 -18.71 21.99
N ILE F 29 16.86 -18.33 20.74
CA ILE F 29 15.64 -18.72 20.03
C ILE F 29 15.75 -20.21 19.76
N THR F 30 15.02 -21.01 20.53
CA THR F 30 15.28 -22.44 20.56
C THR F 30 14.41 -23.17 19.54
N LYS F 31 14.75 -24.44 19.31
CA LYS F 31 14.14 -25.19 18.22
C LYS F 31 12.70 -25.60 18.47
N PRO F 32 12.26 -25.94 19.70
CA PRO F 32 10.81 -26.08 19.90
C PRO F 32 10.05 -24.80 19.65
N ALA F 33 10.63 -23.64 19.97
CA ALA F 33 9.98 -22.38 19.65
C ALA F 33 9.86 -22.19 18.14
N ILE F 34 10.93 -22.52 17.40
CA ILE F 34 10.87 -22.44 15.96
C ILE F 34 9.80 -23.38 15.42
N ARG F 35 9.71 -24.58 16.00
CA ARG F 35 8.70 -25.54 15.60
C ARG F 35 7.29 -25.01 15.86
N ARG F 36 7.09 -24.34 16.99
CA ARG F 36 5.78 -23.77 17.30
C ARG F 36 5.41 -22.68 16.30
N LEU F 37 6.37 -21.82 15.94
CA LEU F 37 6.12 -20.83 14.91
C LEU F 37 5.72 -21.49 13.60
N ALA F 38 6.45 -22.53 13.19
CA ALA F 38 6.10 -23.23 11.96
C ALA F 38 4.73 -23.88 12.04
N ARG F 39 4.39 -24.47 13.18
CA ARG F 39 3.09 -25.11 13.35
C ARG F 39 1.97 -24.09 13.24
N ARG F 40 2.14 -22.92 13.85
CA ARG F 40 1.18 -21.85 13.66
C ARG F 40 1.08 -21.43 12.21
N GLY F 41 2.19 -21.42 11.48
CA GLY F 41 2.15 -21.07 10.08
C GLY F 41 1.43 -22.08 9.20
N GLY F 42 1.22 -23.30 9.69
CA GLY F 42 0.61 -24.35 8.91
C GLY F 42 1.55 -25.38 8.36
N VAL F 43 2.83 -25.35 8.75
CA VAL F 43 3.83 -26.28 8.25
C VAL F 43 3.66 -27.62 8.98
N LYS F 44 3.81 -28.71 8.25
CA LYS F 44 3.66 -30.04 8.84
C LYS F 44 4.99 -30.69 9.19
N ARG F 45 5.99 -30.60 8.30
CA ARG F 45 7.27 -31.27 8.47
C ARG F 45 8.40 -30.28 8.23
N ILE F 46 9.42 -30.32 9.09
CA ILE F 46 10.51 -29.34 9.07
C ILE F 46 11.83 -30.08 8.91
N SER F 47 12.84 -29.38 8.36
CA SER F 47 14.16 -29.95 8.21
C SER F 47 15.12 -29.38 9.25
N GLY F 48 16.41 -29.71 9.09
CA GLY F 48 17.39 -29.33 10.10
C GLY F 48 17.91 -27.92 9.95
N LEU F 49 18.04 -27.42 8.72
CA LEU F 49 18.68 -26.13 8.49
C LEU F 49 17.70 -24.96 8.64
N ILE F 50 16.41 -25.28 8.78
CA ILE F 50 15.39 -24.24 8.90
C ILE F 50 15.68 -23.35 10.11
N TYR F 51 16.20 -23.95 11.17
CA TYR F 51 16.47 -23.21 12.40
C TYR F 51 17.50 -22.09 12.17
N GLU F 52 18.63 -22.43 11.56
CA GLU F 52 19.66 -21.42 11.31
C GLU F 52 19.19 -20.39 10.30
N GLU F 53 18.46 -20.83 9.26
CA GLU F 53 17.94 -19.87 8.29
C GLU F 53 16.99 -18.87 8.95
N THR F 54 16.11 -19.37 9.82
CA THR F 54 15.16 -18.49 10.51
C THR F 54 15.89 -17.54 11.44
N ARG F 55 16.93 -18.03 12.12
CA ARG F 55 17.74 -17.14 12.94
C ARG F 55 18.32 -16.01 12.11
N GLY F 56 18.83 -16.34 10.91
CA GLY F 56 19.39 -15.31 10.06
C GLY F 56 18.39 -14.25 9.65
N VAL F 57 17.20 -14.69 9.19
CA VAL F 57 16.22 -13.71 8.70
C VAL F 57 15.71 -12.84 9.85
N LEU F 58 15.51 -13.46 11.02
CA LEU F 58 15.08 -12.69 12.18
C LEU F 58 16.13 -11.67 12.59
N LYS F 59 17.41 -12.06 12.54
CA LYS F 59 18.48 -11.13 12.88
C LYS F 59 18.48 -9.94 11.94
N VAL F 60 18.30 -10.19 10.64
CA VAL F 60 18.27 -9.09 9.66
C VAL F 60 17.12 -8.14 9.97
N PHE F 61 15.93 -8.70 10.18
CA PHE F 61 14.75 -7.88 10.43
C PHE F 61 14.92 -7.02 11.67
N LEU F 62 15.39 -7.63 12.76
CA LEU F 62 15.60 -6.88 13.99
C LEU F 62 16.65 -5.79 13.80
N GLU F 63 17.74 -6.11 13.10
CA GLU F 63 18.76 -5.11 12.86
C GLU F 63 18.16 -3.86 12.22
N ASN F 64 17.40 -4.06 11.15
CA ASN F 64 16.81 -2.91 10.46
C ASN F 64 15.90 -2.11 11.38
N VAL F 65 14.99 -2.79 12.08
CA VAL F 65 14.00 -2.08 12.88
C VAL F 65 14.67 -1.31 14.02
N ILE F 66 15.60 -1.94 14.74
CA ILE F 66 16.23 -1.24 15.85
C ILE F 66 17.15 -0.14 15.35
N ARG F 67 17.75 -0.28 14.17
CA ARG F 67 18.51 0.83 13.61
C ARG F 67 17.62 2.06 13.43
N ASP F 68 16.46 1.87 12.78
CA ASP F 68 15.57 3.01 12.57
C ASP F 68 15.11 3.62 13.89
N ALA F 69 14.72 2.76 14.84
CA ALA F 69 14.21 3.24 16.12
C ALA F 69 15.28 4.01 16.89
N VAL F 70 16.52 3.51 16.85
CA VAL F 70 17.61 4.16 17.55
C VAL F 70 17.92 5.52 16.92
N THR F 71 17.80 5.60 15.60
CA THR F 71 17.98 6.90 14.95
C THR F 71 16.93 7.89 15.43
N TYR F 72 15.67 7.45 15.51
CA TYR F 72 14.60 8.32 16.01
C TYR F 72 14.91 8.79 17.43
N THR F 73 15.30 7.85 18.29
CA THR F 73 15.56 8.18 19.70
C THR F 73 16.74 9.13 19.82
N GLU F 74 17.79 8.90 19.02
CA GLU F 74 18.94 9.80 19.02
C GLU F 74 18.54 11.20 18.60
N HIS F 75 17.69 11.33 17.59
CA HIS F 75 17.19 12.65 17.24
C HIS F 75 16.40 13.29 18.37
N ALA F 76 15.59 12.52 19.08
CA ALA F 76 14.69 13.06 20.10
C ALA F 76 15.41 13.58 21.33
N LYS F 77 16.71 13.33 21.45
CA LYS F 77 17.47 13.62 22.68
C LYS F 77 16.89 12.88 23.87
N ARG F 78 16.82 11.55 23.75
CA ARG F 78 16.35 10.69 24.82
C ARG F 78 17.23 9.44 24.89
N LYS F 79 17.36 8.91 26.10
CA LYS F 79 18.12 7.68 26.32
C LYS F 79 17.22 6.47 26.55
N THR F 80 15.92 6.58 26.28
CA THR F 80 14.97 5.49 26.48
C THR F 80 14.19 5.27 25.19
N VAL F 81 14.31 4.07 24.63
CA VAL F 81 13.57 3.71 23.42
C VAL F 81 12.12 3.45 23.78
N THR F 82 11.20 4.21 23.19
CA THR F 82 9.80 4.16 23.54
C THR F 82 9.02 3.43 22.44
N ALA F 83 7.92 2.78 22.83
CA ALA F 83 7.12 2.00 21.88
C ALA F 83 6.57 2.87 20.75
N MET F 84 6.36 4.16 21.02
CA MET F 84 5.90 5.08 19.99
C MET F 84 6.93 5.22 18.87
N ASP F 85 8.21 5.27 19.24
CA ASP F 85 9.26 5.32 18.23
C ASP F 85 9.29 4.03 17.41
N VAL F 86 9.07 2.89 18.05
CA VAL F 86 9.06 1.63 17.32
C VAL F 86 7.88 1.60 16.34
N VAL F 87 6.74 2.15 16.77
CA VAL F 87 5.59 2.20 15.89
C VAL F 87 5.88 3.08 14.68
N TYR F 88 6.54 4.22 14.91
CA TYR F 88 6.97 5.06 13.79
C TYR F 88 7.94 4.34 12.86
N ALA F 89 8.90 3.60 13.41
CA ALA F 89 9.85 2.87 12.58
C ALA F 89 9.15 1.81 11.73
N LEU F 90 8.22 1.07 12.35
CA LEU F 90 7.46 0.07 11.60
C LEU F 90 6.59 0.72 10.53
N LYS F 91 6.06 1.91 10.81
CA LYS F 91 5.30 2.63 9.80
C LYS F 91 6.20 3.01 8.62
N ARG F 92 7.43 3.41 8.91
CA ARG F 92 8.40 3.70 7.87
C ARG F 92 8.68 2.46 7.02
N GLN F 93 8.84 1.32 7.66
CA GLN F 93 9.12 0.07 6.96
C GLN F 93 7.89 -0.55 6.31
N GLY F 94 6.74 0.11 6.39
CA GLY F 94 5.52 -0.45 5.82
C GLY F 94 5.01 -1.70 6.52
N ARG F 95 5.07 -1.73 7.85
CA ARG F 95 4.58 -2.83 8.66
C ARG F 95 3.77 -2.31 9.83
N THR F 96 2.79 -1.45 9.56
CA THR F 96 2.05 -0.74 10.59
C THR F 96 1.47 -1.68 11.64
N LEU F 97 1.60 -1.29 12.91
CA LEU F 97 1.15 -2.08 14.03
C LEU F 97 0.14 -1.28 14.85
N TYR F 98 -0.96 -1.92 15.23
CA TYR F 98 -2.02 -1.30 16.00
C TYR F 98 -1.94 -1.76 17.45
N GLY F 99 -2.27 -0.86 18.37
CA GLY F 99 -2.42 -1.25 19.76
C GLY F 99 -1.47 -0.60 20.74
N PHE F 100 -0.77 0.46 20.32
CA PHE F 100 0.14 1.16 21.21
C PHE F 100 0.00 2.68 21.07
N GLY F 101 -1.23 3.18 21.03
CA GLY F 101 -1.47 4.61 20.94
C GLY F 101 -1.01 5.21 19.63
N GLY F 102 -1.14 4.46 18.55
CA GLY F 102 -0.72 4.92 17.24
C GLY F 102 -1.72 5.84 16.57
N ALA G 14 30.56 37.50 -2.62
CA ALA G 14 29.55 37.15 -3.61
C ALA G 14 28.15 37.39 -3.06
N LYS G 15 27.23 37.79 -3.94
CA LYS G 15 25.86 38.07 -3.54
C LYS G 15 25.03 36.79 -3.41
N THR G 16 25.04 35.96 -4.45
CA THR G 16 24.21 34.76 -4.47
C THR G 16 24.64 33.78 -3.40
N ARG G 17 23.64 33.17 -2.73
CA ARG G 17 23.93 32.16 -1.72
C ARG G 17 24.65 30.94 -2.29
N SER G 18 24.35 30.57 -3.54
CA SER G 18 25.03 29.45 -4.17
C SER G 18 26.52 29.69 -4.27
N SER G 19 26.91 30.90 -4.67
CA SER G 19 28.33 31.26 -4.72
C SER G 19 28.88 31.41 -3.31
N ARG G 20 28.04 31.84 -2.37
CA ARG G 20 28.46 31.95 -0.98
C ARG G 20 28.88 30.60 -0.42
N ALA G 21 28.13 29.55 -0.73
CA ALA G 21 28.43 28.21 -0.24
C ALA G 21 29.24 27.38 -1.21
N GLY G 22 29.55 27.92 -2.39
CA GLY G 22 30.30 27.16 -3.38
C GLY G 22 29.55 25.95 -3.91
N LEU G 23 28.26 26.13 -4.20
CA LEU G 23 27.41 25.07 -4.71
C LEU G 23 26.86 25.47 -6.06
N GLN G 24 26.38 24.47 -6.81
CA GLN G 24 25.77 24.75 -8.10
C GLN G 24 24.26 24.85 -8.02
N PHE G 25 23.63 24.08 -7.14
CA PHE G 25 22.18 24.15 -7.04
C PHE G 25 21.76 25.41 -6.30
N PRO G 26 20.64 26.03 -6.68
CA PRO G 26 20.27 27.31 -6.09
C PRO G 26 19.61 27.21 -4.72
N VAL G 27 20.32 27.77 -3.73
CA VAL G 27 19.78 27.90 -2.39
C VAL G 27 18.49 28.70 -2.40
N GLY G 28 18.41 29.77 -3.19
CA GLY G 28 17.18 30.54 -3.26
C GLY G 28 16.01 29.75 -3.82
N ARG G 29 16.26 28.95 -4.86
CA ARG G 29 15.23 28.11 -5.44
C ARG G 29 14.71 27.10 -4.43
N VAL G 30 15.61 26.44 -3.70
CA VAL G 30 15.15 25.41 -2.78
C VAL G 30 14.46 26.08 -1.60
N HIS G 31 14.90 27.28 -1.24
CA HIS G 31 14.25 28.07 -0.18
C HIS G 31 12.82 28.40 -0.55
N ARG G 32 12.61 28.91 -1.77
CA ARG G 32 11.26 29.19 -2.24
C ARG G 32 10.41 27.93 -2.30
N LEU G 33 10.98 26.83 -2.80
CA LEU G 33 10.22 25.61 -2.91
C LEU G 33 9.78 25.10 -1.54
N LEU G 34 10.68 25.15 -0.55
CA LEU G 34 10.30 24.73 0.79
C LEU G 34 9.25 25.65 1.39
N ARG G 35 9.38 26.96 1.17
CA ARG G 35 8.38 27.87 1.71
C ARG G 35 7.01 27.64 1.08
N LYS G 36 6.97 27.37 -0.21
CA LYS G 36 5.73 27.03 -0.89
C LYS G 36 5.52 25.52 -0.95
N GLY G 37 5.58 24.86 0.20
CA GLY G 37 5.33 23.44 0.23
C GLY G 37 4.56 22.98 1.46
N ASN G 38 4.28 23.90 2.37
CA ASN G 38 3.55 23.63 3.60
C ASN G 38 4.16 22.45 4.38
N TYR G 39 5.48 22.34 4.31
CA TYR G 39 6.17 21.34 5.10
C TYR G 39 6.32 21.75 6.57
N ALA G 40 6.39 23.05 6.85
CA ALA G 40 6.45 23.52 8.22
C ALA G 40 5.96 24.96 8.23
N GLU G 41 5.58 25.43 9.41
CA GLU G 41 5.15 26.80 9.57
C GLU G 41 6.32 27.74 9.29
N ARG G 42 7.51 27.37 9.72
CA ARG G 42 8.72 28.14 9.49
C ARG G 42 9.84 27.23 9.01
N VAL G 43 10.81 27.82 8.32
CA VAL G 43 11.96 27.10 7.77
C VAL G 43 13.24 27.79 8.23
N GLY G 44 14.30 27.02 8.38
CA GLY G 44 15.57 27.53 8.88
C GLY G 44 16.42 28.18 7.81
N ALA G 45 17.68 28.48 8.14
CA ALA G 45 18.59 29.10 7.21
C ALA G 45 19.56 28.13 6.55
N GLY G 46 20.13 27.18 7.29
CA GLY G 46 21.10 26.27 6.72
C GLY G 46 20.48 25.07 6.06
N ALA G 47 19.17 24.93 6.23
CA ALA G 47 18.44 23.81 5.65
C ALA G 47 18.51 23.80 4.12
N PRO G 48 18.24 24.90 3.41
CA PRO G 48 18.40 24.85 1.95
C PRO G 48 19.82 24.52 1.51
N VAL G 49 20.82 25.03 2.24
CA VAL G 49 22.21 24.74 1.90
C VAL G 49 22.50 23.26 2.02
N TYR G 50 22.05 22.66 3.13
CA TYR G 50 22.23 21.23 3.36
C TYR G 50 21.56 20.42 2.25
N LEU G 51 20.31 20.77 1.94
CA LEU G 51 19.56 20.00 0.95
C LEU G 51 20.21 20.11 -0.42
N ALA G 52 20.67 21.31 -0.79
CA ALA G 52 21.34 21.48 -2.07
C ALA G 52 22.63 20.69 -2.14
N ALA G 53 23.41 20.66 -1.07
CA ALA G 53 24.64 19.87 -1.06
C ALA G 53 24.33 18.40 -1.26
N VAL G 54 23.32 17.88 -0.55
CA VAL G 54 22.98 16.46 -0.68
C VAL G 54 22.52 16.16 -2.12
N LEU G 55 21.67 17.02 -2.67
CA LEU G 55 21.18 16.82 -4.02
C LEU G 55 22.33 16.80 -5.02
N GLU G 56 23.26 17.74 -4.88
CA GLU G 56 24.39 17.82 -5.80
C GLU G 56 25.24 16.57 -5.72
N TYR G 57 25.48 16.08 -4.51
CA TYR G 57 26.26 14.85 -4.36
C TYR G 57 25.56 13.68 -5.05
N LEU G 58 24.25 13.59 -4.89
CA LEU G 58 23.51 12.49 -5.53
C LEU G 58 23.61 12.55 -7.06
N THR G 59 23.42 13.74 -7.63
CA THR G 59 23.52 13.86 -9.09
C THR G 59 24.94 13.53 -9.56
N ALA G 60 25.94 13.99 -8.82
CA ALA G 60 27.32 13.67 -9.18
C ALA G 60 27.54 12.16 -9.16
N GLU G 61 27.00 11.49 -8.14
CA GLU G 61 27.11 10.06 -7.99
C GLU G 61 26.51 9.32 -9.18
N ILE G 62 25.31 9.72 -9.60
CA ILE G 62 24.67 9.02 -10.72
C ILE G 62 25.41 9.30 -12.02
N LEU G 63 25.91 10.53 -12.19
CA LEU G 63 26.60 10.87 -13.43
C LEU G 63 27.93 10.14 -13.56
N GLU G 64 28.58 9.85 -12.42
CA GLU G 64 29.77 8.99 -12.44
C GLU G 64 29.53 7.74 -13.28
N LEU G 65 28.57 6.93 -12.85
CA LEU G 65 28.30 5.65 -13.49
C LEU G 65 27.71 5.82 -14.88
N ALA G 66 26.87 6.84 -15.07
CA ALA G 66 26.32 7.05 -16.41
C ALA G 66 27.43 7.34 -17.42
N GLY G 67 28.37 8.20 -17.05
CA GLY G 67 29.49 8.49 -17.94
C GLY G 67 30.38 7.28 -18.17
N ASN G 68 30.63 6.50 -17.13
CA ASN G 68 31.48 5.32 -17.32
C ASN G 68 30.82 4.32 -18.26
N ALA G 69 29.51 4.08 -18.11
CA ALA G 69 28.81 3.21 -19.04
C ALA G 69 28.83 3.76 -20.46
N ALA G 70 28.66 5.08 -20.60
CA ALA G 70 28.71 5.69 -21.93
C ALA G 70 30.07 5.47 -22.58
N ARG G 71 31.15 5.59 -21.82
CA ARG G 71 32.47 5.30 -22.36
C ARG G 71 32.60 3.84 -22.74
N ASP G 72 32.00 2.94 -21.95
CA ASP G 72 32.05 1.52 -22.28
C ASP G 72 31.36 1.24 -23.60
N ASN G 73 30.23 1.89 -23.87
CA ASN G 73 29.49 1.63 -25.10
C ASN G 73 30.02 2.44 -26.28
N LYS G 74 31.10 3.20 -26.08
CA LYS G 74 31.71 4.02 -27.14
C LYS G 74 30.73 5.05 -27.69
N LYS G 75 30.14 5.85 -26.81
CA LYS G 75 29.22 6.92 -27.18
C LYS G 75 29.62 8.21 -26.50
N THR G 76 29.22 9.34 -27.09
CA THR G 76 29.54 10.63 -26.51
C THR G 76 28.41 11.19 -25.67
N ARG G 77 27.19 10.67 -25.84
CA ARG G 77 26.01 11.20 -25.13
C ARG G 77 25.42 10.09 -24.28
N ILE G 78 25.02 10.43 -23.05
CA ILE G 78 24.35 9.48 -22.18
C ILE G 78 22.91 9.33 -22.63
N ILE G 79 22.36 8.13 -22.49
CA ILE G 79 20.98 7.85 -22.89
C ILE G 79 20.28 7.04 -21.81
N PRO G 80 18.96 6.86 -21.90
CA PRO G 80 18.26 6.08 -20.87
C PRO G 80 18.79 4.67 -20.66
N ARG G 81 19.26 4.00 -21.71
CA ARG G 81 19.83 2.67 -21.51
C ARG G 81 21.07 2.72 -20.64
N HIS G 82 21.94 3.71 -20.88
CA HIS G 82 23.12 3.87 -20.03
C HIS G 82 22.72 4.19 -18.60
N LEU G 83 21.70 5.04 -18.41
CA LEU G 83 21.25 5.34 -17.05
C LEU G 83 20.71 4.08 -16.36
N GLN G 84 19.93 3.27 -17.07
CA GLN G 84 19.39 2.05 -16.48
C GLN G 84 20.50 1.09 -16.11
N LEU G 85 21.49 0.92 -17.00
CA LEU G 85 22.62 0.06 -16.70
C LEU G 85 23.37 0.54 -15.47
N ALA G 86 23.60 1.85 -15.36
CA ALA G 86 24.27 2.41 -14.21
C ALA G 86 23.52 2.10 -12.93
N VAL G 87 22.22 2.40 -12.92
CA VAL G 87 21.43 2.23 -11.70
C VAL G 87 21.39 0.78 -11.28
N ARG G 88 21.16 -0.13 -12.22
CA ARG G 88 21.03 -1.53 -11.87
C ARG G 88 22.37 -2.23 -11.64
N ASN G 89 23.48 -1.61 -12.05
CA ASN G 89 24.78 -2.18 -11.68
C ASN G 89 25.26 -1.64 -10.35
N ASP G 90 24.81 -0.46 -9.94
CA ASP G 90 25.16 0.07 -8.62
C ASP G 90 24.23 -0.54 -7.58
N GLU G 91 24.82 -1.28 -6.64
CA GLU G 91 24.05 -2.06 -5.67
C GLU G 91 23.20 -1.12 -4.81
N GLU G 92 23.82 -0.10 -4.22
CA GLU G 92 23.11 0.75 -3.27
C GLU G 92 22.00 1.55 -3.96
N LEU G 93 22.32 2.16 -5.09
CA LEU G 93 21.33 2.95 -5.82
C LEU G 93 20.19 2.07 -6.30
N ASN G 94 20.46 0.79 -6.53
CA ASN G 94 19.40 -0.15 -6.87
C ASN G 94 18.45 -0.36 -5.71
N LYS G 95 18.94 -0.35 -4.48
CA LYS G 95 18.08 -0.43 -3.31
C LYS G 95 17.31 0.86 -3.10
N LEU G 96 17.94 2.00 -3.41
CA LEU G 96 17.23 3.28 -3.33
C LEU G 96 16.09 3.37 -4.34
N LEU G 97 16.35 2.94 -5.57
CA LEU G 97 15.38 3.00 -6.66
C LEU G 97 14.86 1.61 -7.01
N GLY G 98 14.53 0.81 -5.99
CA GLY G 98 14.07 -0.55 -6.24
C GLY G 98 12.67 -0.63 -6.80
N ARG G 99 11.95 0.48 -6.83
CA ARG G 99 10.56 0.49 -7.25
C ARG G 99 10.34 1.64 -8.23
N VAL G 100 11.24 1.73 -9.22
CA VAL G 100 11.22 2.81 -10.19
C VAL G 100 11.39 2.21 -11.58
N THR G 101 10.56 2.69 -12.51
CA THR G 101 10.65 2.31 -13.92
C THR G 101 11.21 3.47 -14.72
N ILE G 102 12.25 3.21 -15.50
CA ILE G 102 12.89 4.21 -16.34
C ILE G 102 12.46 3.95 -17.77
N ALA G 103 11.85 4.96 -18.39
CA ALA G 103 11.37 4.85 -19.77
C ALA G 103 12.51 4.48 -20.71
N GLN G 104 12.27 3.51 -21.58
CA GLN G 104 13.24 2.97 -22.54
C GLN G 104 14.45 2.35 -21.85
N GLY G 105 14.35 2.01 -20.57
CA GLY G 105 15.50 1.54 -19.82
C GLY G 105 16.05 0.20 -20.27
N GLY G 106 15.17 -0.76 -20.53
CA GLY G 106 15.62 -2.10 -20.86
C GLY G 106 15.94 -2.93 -19.63
N VAL G 107 16.49 -4.10 -19.87
CA VAL G 107 16.80 -5.07 -18.82
C VAL G 107 18.23 -5.54 -19.00
N LEU G 108 18.90 -5.77 -17.87
CA LEU G 108 20.29 -6.20 -17.91
C LEU G 108 20.41 -7.56 -18.59
N PRO G 109 21.44 -7.77 -19.40
CA PRO G 109 21.63 -9.07 -20.06
C PRO G 109 21.97 -10.17 -19.06
N ASN G 110 21.07 -11.12 -18.88
CA ASN G 110 21.25 -12.15 -17.86
C ASN G 110 20.50 -13.39 -18.32
N ILE G 111 21.19 -14.53 -18.29
CA ILE G 111 20.59 -15.83 -18.58
C ILE G 111 20.87 -16.74 -17.39
N GLN G 112 19.81 -17.36 -16.86
CA GLN G 112 19.98 -18.20 -15.69
C GLN G 112 20.44 -19.60 -16.10
N SER G 113 21.11 -20.28 -15.17
CA SER G 113 22.08 -21.33 -15.48
C SER G 113 21.45 -22.51 -16.24
N VAL G 114 20.31 -23.01 -15.75
CA VAL G 114 19.74 -24.26 -16.26
C VAL G 114 19.41 -24.21 -17.75
N THR H 29 4.09 28.91 -21.11
CA THR H 29 4.74 29.69 -20.08
C THR H 29 6.09 29.12 -19.61
N ARG H 30 6.61 29.70 -18.53
CA ARG H 30 7.86 29.24 -17.93
C ARG H 30 7.67 27.84 -17.39
N LYS H 31 8.65 26.97 -17.63
CA LYS H 31 8.64 25.60 -17.12
C LYS H 31 9.96 25.38 -16.40
N GLU H 32 9.96 25.58 -15.09
CA GLU H 32 11.20 25.52 -14.34
C GLU H 32 11.79 24.12 -14.40
N SER H 33 13.11 24.06 -14.47
CA SER H 33 13.82 22.79 -14.55
C SER H 33 15.26 23.01 -14.11
N TYR H 34 15.93 21.91 -13.77
CA TYR H 34 17.31 21.93 -13.32
C TYR H 34 18.29 21.62 -14.44
N ALA H 35 17.94 21.97 -15.69
CA ALA H 35 18.75 21.54 -16.83
C ALA H 35 20.16 22.12 -16.79
N ILE H 36 20.29 23.44 -16.65
CA ILE H 36 21.62 24.05 -16.66
C ILE H 36 22.44 23.55 -15.49
N TYR H 37 21.78 23.21 -14.39
CA TYR H 37 22.47 22.77 -13.18
C TYR H 37 23.06 21.37 -13.38
N VAL H 38 22.25 20.45 -13.92
CA VAL H 38 22.75 19.12 -14.26
C VAL H 38 23.86 19.23 -15.29
N TYR H 39 23.71 20.15 -16.24
CA TYR H 39 24.74 20.34 -17.26
C TYR H 39 26.04 20.82 -16.63
N LYS H 40 25.95 21.72 -15.65
CA LYS H 40 27.12 22.19 -14.93
C LYS H 40 27.84 21.03 -14.25
N VAL H 41 27.08 20.18 -13.57
CA VAL H 41 27.69 19.04 -12.87
C VAL H 41 28.35 18.09 -13.87
N LEU H 42 27.66 17.80 -14.97
CA LEU H 42 28.18 16.86 -15.95
C LEU H 42 29.44 17.42 -16.61
N LYS H 43 29.45 18.73 -16.88
CA LYS H 43 30.64 19.33 -17.46
C LYS H 43 31.79 19.34 -16.45
N GLN H 44 31.46 19.47 -15.16
CA GLN H 44 32.48 19.42 -14.13
C GLN H 44 33.14 18.05 -14.03
N VAL H 45 32.36 16.97 -14.09
CA VAL H 45 32.91 15.64 -13.93
C VAL H 45 33.44 15.06 -15.24
N HIS H 46 32.64 15.03 -16.30
CA HIS H 46 33.06 14.51 -17.60
C HIS H 46 33.02 15.65 -18.61
N PRO H 47 34.17 16.27 -18.88
CA PRO H 47 34.19 17.41 -19.80
C PRO H 47 33.75 17.11 -21.23
N ASP H 48 33.82 15.84 -21.63
CA ASP H 48 33.62 15.47 -23.03
C ASP H 48 32.31 14.75 -23.30
N THR H 49 31.32 14.88 -22.43
CA THR H 49 30.08 14.13 -22.61
C THR H 49 28.88 15.07 -22.52
N GLY H 50 27.98 14.96 -23.50
CA GLY H 50 26.76 15.74 -23.49
C GLY H 50 25.55 14.91 -23.10
N ILE H 51 24.39 15.57 -22.99
CA ILE H 51 23.18 14.94 -22.48
C ILE H 51 22.09 15.02 -23.55
N SER H 52 21.22 14.02 -23.56
CA SER H 52 20.05 14.05 -24.42
C SER H 52 18.85 14.61 -23.66
N SER H 53 17.80 14.95 -24.42
CA SER H 53 16.60 15.50 -23.81
C SER H 53 15.88 14.50 -22.92
N LYS H 54 15.76 13.26 -23.36
CA LYS H 54 15.09 12.23 -22.56
C LYS H 54 15.82 12.00 -21.24
N ALA H 55 17.14 11.87 -21.31
CA ALA H 55 17.93 11.68 -20.08
C ALA H 55 17.84 12.90 -19.19
N MET H 56 17.82 14.09 -19.80
CA MET H 56 17.74 15.32 -19.02
C MET H 56 16.43 15.36 -18.24
N SER H 57 15.34 15.00 -18.90
CA SER H 57 14.03 14.93 -18.26
C SER H 57 13.99 13.88 -17.16
N ILE H 58 14.64 12.73 -17.41
CA ILE H 58 14.71 11.68 -16.39
C ILE H 58 15.40 12.21 -15.13
N MET H 59 16.51 12.91 -15.32
CA MET H 59 17.26 13.47 -14.20
C MET H 59 16.44 14.52 -13.45
N ASN H 60 15.72 15.35 -14.22
CA ASN H 60 14.84 16.34 -13.62
C ASN H 60 13.78 15.69 -12.75
N SER H 61 13.20 14.59 -13.22
CA SER H 61 12.21 13.87 -12.43
C SER H 61 12.84 13.26 -11.18
N PHE H 62 14.05 12.71 -11.30
CA PHE H 62 14.71 12.07 -10.17
C PHE H 62 15.00 13.06 -9.05
N VAL H 63 15.46 14.26 -9.41
CA VAL H 63 15.75 15.28 -8.40
C VAL H 63 14.48 15.62 -7.63
N ASN H 64 13.36 15.83 -8.34
CA ASN H 64 12.11 16.16 -7.68
C ASN H 64 11.65 15.01 -6.79
N ASP H 65 11.83 13.77 -7.24
CA ASP H 65 11.46 12.63 -6.44
C ASP H 65 12.17 12.64 -5.09
N VAL H 66 13.50 12.74 -5.11
CA VAL H 66 14.25 12.74 -3.86
C VAL H 66 13.90 13.97 -3.04
N PHE H 67 13.57 15.07 -3.70
CA PHE H 67 13.20 16.30 -3.01
C PHE H 67 11.96 16.09 -2.15
N GLU H 68 10.89 15.58 -2.76
CA GLU H 68 9.67 15.33 -2.00
C GLU H 68 9.90 14.28 -0.92
N ARG H 69 10.67 13.23 -1.21
CA ARG H 69 10.93 12.23 -0.17
C ARG H 69 11.56 12.86 1.07
N ILE H 70 12.65 13.61 0.87
CA ILE H 70 13.37 14.19 1.99
C ILE H 70 12.48 15.21 2.72
N ALA H 71 11.78 16.04 1.95
CA ALA H 71 10.97 17.10 2.57
C ALA H 71 9.84 16.51 3.41
N GLY H 72 9.17 15.48 2.89
CA GLY H 72 8.12 14.84 3.66
C GLY H 72 8.63 14.19 4.92
N GLU H 73 9.79 13.51 4.83
CA GLU H 73 10.35 12.93 6.04
C GLU H 73 10.68 14.00 7.08
N ALA H 74 11.29 15.10 6.65
CA ALA H 74 11.64 16.17 7.58
C ALA H 74 10.39 16.77 8.21
N SER H 75 9.34 16.96 7.41
CA SER H 75 8.09 17.51 7.96
C SER H 75 7.48 16.59 9.00
N ARG H 76 7.47 15.28 8.73
CA ARG H 76 6.94 14.34 9.70
C ARG H 76 7.74 14.38 11.00
N LEU H 77 9.07 14.42 10.89
CA LEU H 77 9.90 14.48 12.10
C LEU H 77 9.60 15.74 12.90
N ALA H 78 9.51 16.88 12.21
CA ALA H 78 9.27 18.15 12.90
C ALA H 78 7.91 18.14 13.60
N HIS H 79 6.88 17.63 12.92
CA HIS H 79 5.55 17.59 13.53
C HIS H 79 5.52 16.66 14.73
N TYR H 80 6.17 15.49 14.61
CA TYR H 80 6.19 14.54 15.71
C TYR H 80 6.94 15.07 16.92
N ASN H 81 8.05 15.77 16.71
CA ASN H 81 8.87 16.26 17.81
C ASN H 81 8.33 17.57 18.38
N LYS H 82 7.09 17.91 18.02
CA LYS H 82 6.40 19.11 18.50
C LYS H 82 7.26 20.35 18.30
N ARG H 83 7.71 20.57 17.08
CA ARG H 83 8.56 21.70 16.74
C ARG H 83 7.96 22.43 15.56
N SER H 84 8.09 23.76 15.56
CA SER H 84 7.43 24.59 14.56
C SER H 84 8.32 24.97 13.39
N THR H 85 9.56 24.47 13.34
CA THR H 85 10.46 24.81 12.25
C THR H 85 11.38 23.63 11.95
N ILE H 86 11.71 23.45 10.67
CA ILE H 86 12.66 22.42 10.26
C ILE H 86 14.02 23.08 10.07
N THR H 87 15.09 22.32 10.28
CA THR H 87 16.44 22.85 10.20
C THR H 87 17.44 21.78 9.75
N SER H 88 18.71 22.14 9.86
CA SER H 88 19.80 21.27 9.45
C SER H 88 19.77 19.92 10.16
N ARG H 89 19.44 19.88 11.45
CA ARG H 89 19.33 18.61 12.16
C ARG H 89 18.22 17.75 11.59
N GLU H 90 17.08 18.38 11.28
CA GLU H 90 15.96 17.65 10.69
C GLU H 90 16.35 17.02 9.36
N ILE H 91 16.98 17.81 8.48
CA ILE H 91 17.36 17.25 7.18
C ILE H 91 18.47 16.23 7.34
N GLN H 92 19.33 16.40 8.34
CA GLN H 92 20.39 15.43 8.59
C GLN H 92 19.79 14.08 8.96
N THR H 93 18.84 14.07 9.91
CA THR H 93 18.18 12.82 10.26
C THR H 93 17.38 12.26 9.09
N ALA H 94 16.78 13.13 8.28
CA ALA H 94 16.04 12.66 7.11
C ALA H 94 16.94 11.92 6.13
N VAL H 95 18.10 12.51 5.82
CA VAL H 95 19.05 11.85 4.93
C VAL H 95 19.56 10.56 5.54
N ARG H 96 19.84 10.56 6.84
CA ARG H 96 20.29 9.34 7.51
C ARG H 96 19.26 8.23 7.44
N LEU H 97 17.98 8.53 7.64
CA LEU H 97 16.93 7.52 7.55
C LEU H 97 16.72 7.04 6.12
N LEU H 98 16.79 7.94 5.14
CA LEU H 98 16.44 7.56 3.77
C LEU H 98 17.58 6.84 3.08
N LEU H 99 18.75 7.49 2.97
CA LEU H 99 19.74 6.85 2.12
C LEU H 99 20.41 5.67 2.83
N PRO H 100 20.79 4.63 2.10
CA PRO H 100 21.51 3.52 2.73
C PRO H 100 22.91 3.93 3.15
N GLY H 101 23.53 3.06 3.93
CA GLY H 101 24.65 3.42 4.79
C GLY H 101 25.74 4.34 4.25
N GLU H 102 26.50 3.87 3.25
CA GLU H 102 27.66 4.63 2.79
C GLU H 102 27.24 5.88 2.04
N LEU H 103 26.18 5.79 1.23
CA LEU H 103 25.64 6.96 0.56
C LEU H 103 25.24 8.02 1.57
N ALA H 104 24.53 7.62 2.62
CA ALA H 104 24.10 8.55 3.66
C ALA H 104 25.30 9.15 4.37
N LYS H 105 26.33 8.35 4.62
CA LYS H 105 27.52 8.84 5.30
C LYS H 105 28.21 9.93 4.48
N HIS H 106 28.44 9.65 3.20
CA HIS H 106 29.09 10.64 2.35
C HIS H 106 28.20 11.88 2.17
N ALA H 107 26.89 11.67 2.09
CA ALA H 107 25.97 12.79 1.95
C ALA H 107 25.99 13.69 3.17
N VAL H 108 26.00 13.10 4.36
CA VAL H 108 26.00 13.89 5.59
C VAL H 108 27.33 14.63 5.74
N SER H 109 28.43 13.99 5.31
CA SER H 109 29.72 14.66 5.33
C SER H 109 29.72 15.88 4.40
N GLU H 110 29.20 15.70 3.18
CA GLU H 110 29.10 16.79 2.23
C GLU H 110 28.26 17.92 2.80
N GLY H 111 27.12 17.55 3.39
CA GLY H 111 26.22 18.56 3.93
C GLY H 111 26.86 19.36 5.04
N THR H 112 27.52 18.68 5.99
CA THR H 112 28.12 19.43 7.08
C THR H 112 29.28 20.30 6.59
N LYS H 113 30.07 19.81 5.63
CA LYS H 113 31.11 20.65 5.05
C LYS H 113 30.52 21.91 4.42
N ALA H 114 29.46 21.74 3.63
CA ALA H 114 28.84 22.88 2.97
C ALA H 114 28.23 23.87 3.94
N VAL H 115 27.53 23.41 4.97
CA VAL H 115 26.91 24.33 5.92
C VAL H 115 27.99 25.03 6.74
N THR H 116 29.08 24.33 7.07
CA THR H 116 30.19 24.95 7.76
C THR H 116 30.81 26.06 6.91
N LYS H 117 31.01 25.78 5.63
CA LYS H 117 31.50 26.81 4.71
C LYS H 117 30.57 28.01 4.69
N TYR H 118 29.27 27.76 4.57
CA TYR H 118 28.30 28.86 4.46
C TYR H 118 28.27 29.70 5.73
N THR H 119 28.31 29.06 6.90
CA THR H 119 28.22 29.81 8.15
C THR H 119 29.53 30.52 8.46
N SER H 120 30.65 29.97 7.99
CA SER H 120 31.93 30.62 8.22
C SER H 120 32.10 31.84 7.33
N ALA H 121 31.73 31.72 6.06
CA ALA H 121 31.84 32.84 5.13
C ALA H 121 30.48 33.23 4.58
N LEU K 11 -54.13 -11.36 8.12
CA LEU K 11 -54.02 -10.15 7.33
C LEU K 11 -53.34 -9.02 8.08
N SER K 12 -53.73 -8.80 9.35
CA SER K 12 -53.09 -7.77 10.16
C SER K 12 -51.63 -8.12 10.42
N GLU K 13 -51.36 -9.38 10.73
CA GLU K 13 -49.98 -9.86 10.87
C GLU K 13 -49.24 -9.91 9.55
N CYS K 14 -49.97 -10.00 8.43
CA CYS K 14 -49.39 -10.10 7.10
C CYS K 14 -49.28 -8.75 6.39
N GLN K 15 -49.67 -7.64 7.05
CA GLN K 15 -49.51 -6.29 6.50
C GLN K 15 -48.39 -5.57 7.28
N CYS K 16 -47.44 -4.95 6.57
CA CYS K 16 -46.44 -4.13 7.23
C CYS K 16 -47.12 -2.93 7.89
N GLY K 17 -46.63 -2.56 9.08
CA GLY K 17 -47.25 -1.53 9.90
C GLY K 17 -47.00 -0.09 9.45
N ILE K 18 -46.22 0.14 8.39
CA ILE K 18 -45.91 1.49 7.92
C ILE K 18 -46.93 1.99 6.92
N CYS K 19 -47.12 1.21 5.83
CA CYS K 19 -48.04 1.55 4.73
C CYS K 19 -49.33 0.73 4.72
N MET K 20 -49.46 -0.26 5.59
CA MET K 20 -50.66 -1.02 5.95
C MET K 20 -51.11 -1.93 4.80
N GLU K 21 -50.54 -1.80 3.60
CA GLU K 21 -50.87 -2.74 2.54
C GLU K 21 -50.35 -4.13 2.89
N ILE K 22 -50.82 -5.13 2.14
CA ILE K 22 -50.36 -6.49 2.36
C ILE K 22 -48.86 -6.58 2.04
N LEU K 23 -48.16 -7.41 2.80
CA LEU K 23 -46.71 -7.56 2.63
C LEU K 23 -46.42 -8.25 1.31
N VAL K 24 -45.82 -7.52 0.36
CA VAL K 24 -45.32 -8.08 -0.88
C VAL K 24 -43.80 -8.07 -0.85
N GLU K 25 -43.20 -9.19 -1.23
CA GLU K 25 -41.77 -9.45 -1.11
C GLU K 25 -41.23 -8.98 0.26
N PRO K 26 -41.70 -9.59 1.34
CA PRO K 26 -41.31 -9.11 2.67
C PRO K 26 -39.83 -9.35 2.94
N VAL K 27 -39.23 -8.42 3.69
CA VAL K 27 -37.82 -8.49 4.06
C VAL K 27 -37.76 -8.45 5.58
N THR K 28 -37.23 -9.52 6.19
CA THR K 28 -37.16 -9.62 7.64
C THR K 28 -35.78 -9.21 8.12
N LEU K 29 -35.70 -8.05 8.77
CA LEU K 29 -34.44 -7.56 9.31
C LEU K 29 -33.97 -8.45 10.45
N PRO K 30 -32.67 -8.43 10.78
CA PRO K 30 -32.17 -9.28 11.85
C PRO K 30 -32.80 -8.99 13.20
N CYS K 31 -33.41 -7.83 13.38
CA CYS K 31 -34.14 -7.54 14.61
C CYS K 31 -35.52 -8.18 14.64
N ASN K 32 -35.79 -9.12 13.72
CA ASN K 32 -37.00 -9.94 13.50
C ASN K 32 -38.16 -9.15 12.92
N HIS K 33 -37.96 -7.87 12.63
CA HIS K 33 -39.01 -7.05 12.04
C HIS K 33 -39.12 -7.33 10.53
N THR K 34 -40.28 -7.03 9.95
CA THR K 34 -40.53 -7.25 8.55
C THR K 34 -41.26 -6.06 7.91
N LEU K 35 -40.97 -5.83 6.63
CA LEU K 35 -41.37 -4.66 5.85
C LEU K 35 -41.63 -5.18 4.44
N CYS K 36 -42.50 -4.49 3.71
CA CYS K 36 -42.77 -4.84 2.32
C CYS K 36 -41.83 -4.08 1.38
N LYS K 37 -41.48 -4.70 0.27
CA LYS K 37 -40.25 -4.37 -0.46
C LYS K 37 -40.20 -2.96 -1.03
N PRO K 38 -41.16 -2.50 -1.88
CA PRO K 38 -41.02 -1.22 -2.55
C PRO K 38 -40.90 -0.27 -1.41
N CYS K 39 -41.47 -0.68 -0.28
CA CYS K 39 -41.46 0.22 0.89
C CYS K 39 -40.14 0.01 1.67
N PHE K 40 -39.58 -1.19 1.70
CA PHE K 40 -38.28 -1.43 2.31
C PHE K 40 -37.23 -0.51 1.72
N GLN K 41 -37.12 -0.45 0.39
CA GLN K 41 -36.07 0.37 -0.22
C GLN K 41 -36.41 1.86 -0.26
N SER K 42 -37.69 2.21 -0.12
CA SER K 42 -38.16 3.58 0.02
C SER K 42 -37.90 4.14 1.40
N THR K 43 -37.96 3.29 2.42
CA THR K 43 -37.80 3.80 3.77
C THR K 43 -36.44 3.48 4.37
N VAL K 44 -35.71 2.52 3.80
CA VAL K 44 -34.49 2.05 4.44
C VAL K 44 -33.30 2.10 3.50
N GLU K 45 -33.42 1.42 2.35
CA GLU K 45 -32.24 1.13 1.55
C GLU K 45 -31.52 2.38 1.10
N LYS K 46 -32.27 3.42 0.71
CA LYS K 46 -31.69 4.63 0.15
C LYS K 46 -31.84 5.83 1.07
N ALA K 47 -32.48 5.66 2.23
CA ALA K 47 -32.80 6.81 3.06
C ALA K 47 -32.04 6.82 4.37
N SER K 48 -32.15 5.74 5.15
CA SER K 48 -31.66 5.73 6.52
C SER K 48 -30.71 4.59 6.83
N LEU K 49 -30.88 3.43 6.17
CA LEU K 49 -30.14 2.22 6.49
C LEU K 49 -30.29 1.81 7.95
N CYS K 50 -31.48 2.00 8.52
CA CYS K 50 -31.79 1.64 9.89
C CYS K 50 -33.23 1.14 10.00
N CYS K 51 -33.50 0.37 11.05
CA CYS K 51 -34.83 -0.18 11.25
C CYS K 51 -35.80 0.92 11.65
N PRO K 52 -36.99 0.98 11.04
CA PRO K 52 -37.94 2.05 11.36
C PRO K 52 -38.43 2.03 12.81
N PHE K 53 -38.36 0.91 13.52
CA PHE K 53 -38.89 0.82 14.88
C PHE K 53 -37.82 0.82 15.96
N CYS K 54 -36.79 -0.03 15.81
CA CYS K 54 -35.77 -0.14 16.84
C CYS K 54 -34.46 0.53 16.47
N ARG K 55 -34.39 1.23 15.34
CA ARG K 55 -33.27 2.06 14.91
C ARG K 55 -31.99 1.25 14.72
N ARG K 56 -32.06 -0.07 14.63
CA ARG K 56 -30.86 -0.87 14.43
C ARG K 56 -30.24 -0.58 13.07
N ARG K 57 -28.93 -0.33 13.07
CA ARG K 57 -28.23 -0.10 11.82
C ARG K 57 -28.12 -1.40 11.04
N VAL K 58 -28.36 -1.33 9.74
CA VAL K 58 -28.57 -2.53 8.92
C VAL K 58 -27.72 -2.48 7.66
N SER K 59 -26.85 -1.47 7.55
CA SER K 59 -26.18 -1.18 6.29
C SER K 59 -25.40 -2.38 5.74
N SER K 60 -24.57 -3.00 6.59
CA SER K 60 -23.79 -4.14 6.12
C SER K 60 -24.68 -5.34 5.81
N TRP K 61 -25.76 -5.50 6.58
CA TRP K 61 -26.73 -6.56 6.30
C TRP K 61 -27.28 -6.42 4.88
N THR K 62 -27.74 -5.22 4.53
CA THR K 62 -28.24 -4.96 3.19
C THR K 62 -27.15 -5.14 2.14
N ARG K 63 -25.93 -4.70 2.46
CA ARG K 63 -24.83 -4.89 1.51
C ARG K 63 -24.65 -6.36 1.19
N TYR K 64 -24.56 -7.19 2.22
CA TYR K 64 -24.30 -8.61 2.04
C TYR K 64 -25.44 -9.29 1.30
N HIS K 65 -26.68 -8.94 1.66
CA HIS K 65 -27.84 -9.54 1.00
C HIS K 65 -28.00 -9.09 -0.44
N THR K 66 -27.78 -7.81 -0.76
CA THR K 66 -27.82 -7.36 -2.14
C THR K 66 -26.72 -8.04 -2.94
N ARG K 67 -25.58 -8.30 -2.28
CA ARG K 67 -24.54 -9.09 -2.93
C ARG K 67 -25.02 -10.50 -3.23
N ARG K 68 -25.81 -11.09 -2.33
CA ARG K 68 -26.24 -12.47 -2.49
C ARG K 68 -27.73 -12.61 -2.83
N ASN K 69 -28.43 -11.50 -3.03
CA ASN K 69 -29.83 -11.51 -3.49
C ASN K 69 -30.70 -12.39 -2.59
N SER K 70 -30.68 -12.09 -1.30
CA SER K 70 -31.46 -12.85 -0.32
C SER K 70 -32.29 -11.94 0.58
N LEU K 71 -32.70 -10.77 0.07
CA LEU K 71 -33.45 -9.83 0.90
C LEU K 71 -34.85 -10.36 1.23
N VAL K 72 -35.48 -11.03 0.27
CA VAL K 72 -36.87 -11.43 0.44
C VAL K 72 -36.94 -12.80 1.09
N ASN K 73 -37.48 -12.85 2.31
CA ASN K 73 -37.73 -14.10 3.02
C ASN K 73 -38.62 -14.99 2.14
N VAL K 74 -38.03 -16.07 1.65
CA VAL K 74 -38.78 -17.00 0.82
C VAL K 74 -39.77 -17.78 1.65
N GLU K 75 -39.36 -18.21 2.85
CA GLU K 75 -40.25 -19.03 3.67
C GLU K 75 -41.54 -18.30 3.99
N LEU K 76 -41.45 -17.03 4.38
CA LEU K 76 -42.67 -16.26 4.66
C LEU K 76 -43.37 -15.85 3.38
N TRP K 77 -42.60 -15.59 2.31
CA TRP K 77 -43.21 -15.14 1.06
C TRP K 77 -44.11 -16.21 0.45
N THR K 78 -43.66 -17.47 0.48
CA THR K 78 -44.50 -18.56 -0.01
C THR K 78 -45.78 -18.70 0.80
N ILE K 79 -45.66 -18.61 2.13
CA ILE K 79 -46.85 -18.69 2.98
C ILE K 79 -47.82 -17.56 2.66
N ILE K 80 -47.30 -16.34 2.48
CA ILE K 80 -48.16 -15.20 2.18
C ILE K 80 -48.84 -15.39 0.84
N GLN K 81 -48.10 -15.86 -0.17
CA GLN K 81 -48.71 -16.06 -1.49
C GLN K 81 -49.76 -17.16 -1.45
N LYS K 82 -49.54 -18.19 -0.63
CA LYS K 82 -50.52 -19.28 -0.55
C LYS K 82 -51.78 -18.82 0.17
N HIS K 83 -51.64 -17.99 1.21
CA HIS K 83 -52.79 -17.55 1.98
C HIS K 83 -53.54 -16.38 1.35
N TYR K 84 -52.85 -15.38 0.82
CA TYR K 84 -53.50 -14.18 0.26
C TYR K 84 -52.98 -13.89 -1.14
N PRO K 85 -53.14 -14.84 -2.08
CA PRO K 85 -52.69 -14.55 -3.46
C PRO K 85 -53.45 -13.42 -4.10
N ARG K 86 -54.75 -13.29 -3.79
CA ARG K 86 -55.54 -12.21 -4.37
C ARG K 86 -55.03 -10.86 -3.89
N GLU K 87 -54.74 -10.74 -2.60
CA GLU K 87 -54.20 -9.49 -2.06
C GLU K 87 -52.83 -9.19 -2.66
N CYS K 88 -51.99 -10.22 -2.81
CA CYS K 88 -50.69 -10.01 -3.42
C CYS K 88 -50.83 -9.51 -4.85
N LYS K 89 -51.73 -10.12 -5.63
CA LYS K 89 -51.95 -9.70 -7.01
C LYS K 89 -52.51 -8.29 -7.08
N LEU K 90 -53.44 -7.95 -6.17
CA LEU K 90 -54.01 -6.61 -6.16
C LEU K 90 -52.96 -5.55 -5.84
N ARG K 91 -52.07 -5.83 -4.89
CA ARG K 91 -50.98 -4.89 -4.62
C ARG K 91 -50.03 -4.80 -5.81
N ALA K 92 -49.73 -5.94 -6.45
CA ALA K 92 -48.81 -5.92 -7.59
C ALA K 92 -49.37 -5.09 -8.74
N SER K 93 -50.68 -5.21 -8.99
CA SER K 93 -51.32 -4.44 -10.05
C SER K 93 -51.35 -2.95 -9.72
#